data_1UH4
#
_entry.id   1UH4
#
_cell.length_a   120.880
_cell.length_b   50.519
_cell.length_c   108.073
_cell.angle_alpha   90.00
_cell.angle_beta   103.43
_cell.angle_gamma   90.00
#
_symmetry.space_group_name_H-M   'C 1 2 1'
#
loop_
_entity.id
_entity.type
_entity.pdbx_description
1 polymer 'alpha-amylase I'
2 branched alpha-D-glucopyranose-(1-4)-alpha-D-glucopyranose-(1-4)-alpha-D-glucopyranose
3 branched alpha-D-glucopyranose-(1-4)-alpha-D-glucopyranose-(1-4)-alpha-D-glucopyranose-(1-4)-alpha-D-glucopyranose-(1-4)-alpha-D-glucopyranose
4 branched beta-D-glucopyranose-(1-4)-beta-D-glucopyranose-(1-4)-alpha-D-glucopyranose
5 branched alpha-D-glucopyranose-(1-4)-alpha-D-glucopyranose-(1-4)-alpha-D-glucopyranose-(1-4)-alpha-D-glucopyranose-(1-4)-alpha-D-glucopyranose-(1-4)-alpha-D-glucopyranose
6 non-polymer alpha-D-glucopyranose
7 non-polymer 'CALCIUM ION'
8 non-polymer (4S)-2-METHYL-2,4-PENTANEDIOL
9 water water
#
_entity_poly.entity_id   1
_entity_poly.type   'polypeptide(L)'
_entity_poly.pdbx_seq_one_letter_code
;AANDNNVEWNGLFHDQGPLFDNAPEPTSTQSVTLKLRTFKGDITSANIKYWDTADNAFHWVPMVWDSNDPTGTFDYWKGT
IPASPSIKYYRFQINDGTSTAWYNGNGPSSTEPNADDFYIIPNFKTPDWLKNGVMYQIFPDRFYNGDSSNDVQTGSYTYN
GTPTEKKAWGSSVYADPGYDNSLVFFGGDLAGIDQKLGYIKKTLGANILYLNPIFKAPTNHKYDTQDYMAVDPAFGDNST
LQTLINDIHSTANGPKGYLILDGVFNHTGDSHPWFDKYNNFSSQGAYESQSSPWYNYYTFYTWPDSYASFLGFNSLPKLN
YGNSGSAVRGVIYNNSNSVAKTYLNPPYSVDGWRLNAAQYVDANGNNGSDVTNHQIWSEFRNAVKGVNSNAAIIGQYWGN
ANPWTAQGNQWDAATNFDGFTQPVSEWITGKDYQNNSASISTTQFDSWLRGTRANYPTNVQQSMMNFLSNHDITRFATRS
GGDLWKTYLALIFQMTYVGTPTIYYGDEYGMQGGADPDNRRSFDWSQATPSNSAVALTQKLITIRNQYPALRTGSFMTLI
TDDTNKIYSYGRFDNVNRIAVVLNNDSVSHTVNVPVWQLSMPNGSTVTDKITGHSYTVQNGMVTVAVDGHYGAVLAQ
;
_entity_poly.pdbx_strand_id   A
#
loop_
_chem_comp.id
_chem_comp.type
_chem_comp.name
_chem_comp.formula
BGC D-saccharide, beta linking beta-D-glucopyranose 'C6 H12 O6'
CA non-polymer 'CALCIUM ION' 'Ca 2'
GLC D-saccharide, alpha linking alpha-D-glucopyranose 'C6 H12 O6'
MPD non-polymer (4S)-2-METHYL-2,4-PENTANEDIOL 'C6 H14 O2'
#
# COMPACT_ATOMS: atom_id res chain seq x y z
N ALA A 1 21.40 -30.65 -12.88
CA ALA A 1 20.73 -30.43 -14.20
C ALA A 1 21.69 -30.76 -15.35
N ALA A 2 21.13 -30.89 -16.54
CA ALA A 2 21.93 -31.20 -17.71
C ALA A 2 21.13 -30.91 -18.97
N ASN A 3 21.73 -31.17 -20.12
CA ASN A 3 21.05 -30.98 -21.39
C ASN A 3 20.42 -32.34 -21.61
N ASP A 4 19.17 -32.44 -21.19
CA ASP A 4 18.39 -33.66 -21.24
C ASP A 4 17.01 -33.44 -21.82
N ASN A 5 16.88 -32.50 -22.75
CA ASN A 5 15.60 -32.19 -23.35
C ASN A 5 14.56 -31.90 -22.27
N ASN A 6 14.95 -31.09 -21.29
CA ASN A 6 14.02 -30.73 -20.21
C ASN A 6 14.44 -29.50 -19.43
N VAL A 7 13.61 -28.46 -19.49
CA VAL A 7 13.89 -27.23 -18.74
C VAL A 7 13.34 -27.45 -17.34
N GLU A 8 14.21 -27.33 -16.34
CA GLU A 8 13.77 -27.52 -14.95
C GLU A 8 13.25 -26.22 -14.35
N TRP A 9 11.94 -26.14 -14.20
CA TRP A 9 11.29 -24.93 -13.67
C TRP A 9 11.87 -24.48 -12.33
N ASN A 10 12.17 -25.44 -11.45
CA ASN A 10 12.71 -25.17 -10.13
C ASN A 10 13.98 -24.32 -10.13
N GLY A 11 14.75 -24.37 -11.22
CA GLY A 11 15.98 -23.60 -11.29
C GLY A 11 15.81 -22.24 -11.92
N LEU A 12 14.68 -22.04 -12.60
CA LEU A 12 14.40 -20.77 -13.27
C LEU A 12 14.01 -19.65 -12.33
N PHE A 13 14.40 -18.44 -12.68
CA PHE A 13 14.01 -17.28 -11.91
C PHE A 13 14.37 -15.95 -12.54
N HIS A 14 13.47 -14.99 -12.33
CA HIS A 14 13.65 -13.63 -12.77
C HIS A 14 12.56 -12.74 -12.22
N ASP A 15 12.97 -11.56 -11.79
CA ASP A 15 12.06 -10.52 -11.33
C ASP A 15 12.91 -9.28 -11.48
N GLN A 16 12.40 -8.10 -11.14
CA GLN A 16 13.21 -6.92 -11.38
C GLN A 16 14.05 -6.42 -10.20
N GLY A 17 14.47 -7.36 -9.36
CA GLY A 17 15.31 -7.02 -8.23
C GLY A 17 16.72 -6.76 -8.74
N PRO A 18 17.63 -6.23 -7.91
CA PRO A 18 19.02 -5.90 -8.26
C PRO A 18 19.85 -6.94 -9.00
N LEU A 19 19.73 -8.20 -8.60
CA LEU A 19 20.49 -9.26 -9.24
C LEU A 19 20.05 -9.59 -10.66
N PHE A 20 18.83 -9.21 -11.01
CA PHE A 20 18.31 -9.57 -12.32
C PHE A 20 17.95 -8.45 -13.29
N ASP A 21 17.96 -7.21 -12.81
CA ASP A 21 17.61 -6.07 -13.66
C ASP A 21 18.49 -4.90 -13.25
N ASN A 22 19.27 -4.39 -14.19
CA ASN A 22 20.18 -3.28 -13.88
C ASN A 22 19.55 -1.90 -13.98
N ALA A 23 18.28 -1.84 -14.38
CA ALA A 23 17.60 -0.55 -14.51
C ALA A 23 16.09 -0.73 -14.36
N PRO A 24 15.60 -0.91 -13.12
CA PRO A 24 14.18 -1.10 -12.82
C PRO A 24 13.29 0.12 -13.06
N GLU A 25 13.89 1.32 -13.05
CA GLU A 25 13.15 2.56 -13.30
C GLU A 25 13.98 3.40 -14.27
N PRO A 26 14.13 2.91 -15.52
CA PRO A 26 14.90 3.58 -16.56
C PRO A 26 14.23 4.79 -17.19
N THR A 27 15.06 5.68 -17.74
CA THR A 27 14.54 6.85 -18.44
C THR A 27 14.53 6.43 -19.91
N SER A 28 14.20 7.37 -20.78
CA SER A 28 14.12 7.10 -22.21
C SER A 28 15.45 6.70 -22.85
N THR A 29 16.56 7.06 -22.21
CA THR A 29 17.89 6.76 -22.77
C THR A 29 18.66 5.64 -22.08
N GLN A 30 18.04 4.96 -21.12
CA GLN A 30 18.72 3.88 -20.41
C GLN A 30 18.26 2.51 -20.89
N SER A 31 19.20 1.69 -21.35
CA SER A 31 18.85 0.35 -21.82
C SER A 31 18.63 -0.51 -20.59
N VAL A 32 17.93 -1.62 -20.77
CA VAL A 32 17.63 -2.52 -19.67
C VAL A 32 18.26 -3.89 -19.88
N THR A 33 19.24 -4.22 -19.05
CA THR A 33 19.93 -5.51 -19.14
C THR A 33 19.31 -6.45 -18.11
N LEU A 34 18.78 -7.55 -18.61
CA LEU A 34 18.10 -8.54 -17.78
C LEU A 34 18.88 -9.85 -17.67
N LYS A 35 18.81 -10.46 -16.50
CA LYS A 35 19.47 -11.73 -16.26
C LYS A 35 18.43 -12.77 -15.87
N LEU A 36 18.51 -13.94 -16.49
CA LEU A 36 17.60 -15.03 -16.21
C LEU A 36 18.42 -16.14 -15.57
N ARG A 37 17.96 -16.65 -14.43
CA ARG A 37 18.65 -17.72 -13.75
C ARG A 37 18.08 -19.07 -14.19
N THR A 38 18.95 -20.06 -14.26
CA THR A 38 18.57 -21.44 -14.59
C THR A 38 19.55 -22.31 -13.83
N PHE A 39 19.26 -23.60 -13.72
CA PHE A 39 20.21 -24.49 -13.04
C PHE A 39 21.42 -24.52 -13.97
N LYS A 40 22.60 -24.72 -13.42
CA LYS A 40 23.81 -24.77 -14.23
C LYS A 40 23.78 -25.90 -15.26
N GLY A 41 23.99 -25.55 -16.52
CA GLY A 41 24.01 -26.52 -17.60
C GLY A 41 22.68 -27.14 -17.95
N ASP A 42 21.60 -26.50 -17.52
CA ASP A 42 20.24 -27.01 -17.76
C ASP A 42 19.65 -26.73 -19.14
N ILE A 43 20.10 -25.66 -19.80
CA ILE A 43 19.51 -25.31 -21.08
C ILE A 43 20.48 -25.17 -22.26
N THR A 44 19.90 -24.98 -23.45
CA THR A 44 20.68 -24.81 -24.67
C THR A 44 20.55 -23.40 -25.23
N SER A 45 19.42 -22.74 -24.97
CA SER A 45 19.22 -21.37 -25.45
C SER A 45 18.06 -20.69 -24.71
N ALA A 46 18.10 -19.36 -24.67
CA ALA A 46 17.04 -18.59 -24.02
C ALA A 46 16.91 -17.29 -24.79
N ASN A 47 15.70 -16.75 -24.84
CA ASN A 47 15.47 -15.51 -25.57
C ASN A 47 14.50 -14.61 -24.83
N ILE A 48 14.70 -13.30 -24.99
CA ILE A 48 13.83 -12.32 -24.40
C ILE A 48 12.86 -11.93 -25.50
N LYS A 49 11.57 -11.99 -25.22
CA LYS A 49 10.57 -11.61 -26.21
C LYS A 49 9.80 -10.45 -25.61
N TYR A 50 9.85 -9.29 -26.27
CA TYR A 50 9.13 -8.13 -25.74
C TYR A 50 8.25 -7.44 -26.76
N TRP A 51 7.12 -6.96 -26.27
CA TRP A 51 6.15 -6.23 -27.08
C TRP A 51 6.50 -4.76 -26.90
N ASP A 52 6.67 -4.05 -28.00
CA ASP A 52 7.00 -2.63 -27.93
C ASP A 52 5.76 -1.85 -28.34
N THR A 53 5.27 -1.00 -27.44
CA THR A 53 4.09 -0.19 -27.72
C THR A 53 4.39 0.85 -28.79
N ALA A 54 5.66 1.06 -29.09
CA ALA A 54 6.04 2.05 -30.10
C ALA A 54 5.60 1.59 -31.49
N ASP A 55 5.68 0.30 -31.76
CA ASP A 55 5.29 -0.22 -33.06
C ASP A 55 4.30 -1.39 -33.01
N ASN A 56 3.71 -1.61 -31.83
CA ASN A 56 2.74 -2.69 -31.64
C ASN A 56 3.22 -3.98 -32.29
N ALA A 57 4.41 -4.42 -31.92
CA ALA A 57 4.97 -5.64 -32.47
C ALA A 57 5.93 -6.28 -31.47
N PHE A 58 6.17 -7.58 -31.64
CA PHE A 58 7.08 -8.31 -30.79
C PHE A 58 8.50 -8.24 -31.33
N HIS A 59 9.48 -8.20 -30.43
CA HIS A 59 10.89 -8.12 -30.79
C HIS A 59 11.62 -9.22 -30.04
N TRP A 60 12.68 -9.72 -30.66
CA TRP A 60 13.44 -10.86 -30.16
C TRP A 60 14.90 -10.58 -29.80
N VAL A 61 15.29 -10.90 -28.57
CA VAL A 61 16.67 -10.68 -28.13
C VAL A 61 17.28 -11.97 -27.56
N PRO A 62 18.12 -12.64 -28.35
CA PRO A 62 18.76 -13.88 -27.88
C PRO A 62 19.62 -13.59 -26.67
N MET A 63 19.62 -14.50 -25.71
CA MET A 63 20.41 -14.32 -24.50
C MET A 63 21.74 -15.08 -24.60
N VAL A 64 22.72 -14.63 -23.83
CA VAL A 64 24.04 -15.26 -23.81
C VAL A 64 24.39 -15.59 -22.36
N TRP A 65 25.13 -16.68 -22.16
CA TRP A 65 25.52 -17.07 -20.81
C TRP A 65 26.42 -15.99 -20.22
N ASP A 66 26.12 -15.60 -18.98
CA ASP A 66 26.89 -14.55 -18.31
C ASP A 66 27.82 -15.06 -17.20
N SER A 67 27.29 -15.88 -16.30
CA SER A 67 28.11 -16.39 -15.20
C SER A 67 27.41 -17.47 -14.38
N ASN A 68 28.14 -18.00 -13.40
CA ASN A 68 27.59 -18.98 -12.47
C ASN A 68 27.45 -18.20 -11.18
N ASP A 69 26.58 -18.68 -10.28
CA ASP A 69 26.43 -18.00 -9.00
C ASP A 69 27.59 -18.50 -8.12
N PRO A 70 27.80 -17.89 -6.95
CA PRO A 70 28.88 -18.31 -6.05
C PRO A 70 28.88 -19.76 -5.61
N THR A 71 27.70 -20.38 -5.53
CA THR A 71 27.61 -21.76 -5.10
C THR A 71 27.84 -22.75 -6.25
N GLY A 72 27.86 -22.24 -7.47
CA GLY A 72 28.07 -23.08 -8.63
C GLY A 72 26.87 -23.94 -8.98
N THR A 73 25.72 -23.59 -8.44
CA THR A 73 24.49 -24.34 -8.68
C THR A 73 23.69 -23.80 -9.86
N PHE A 74 23.82 -22.50 -10.09
CA PHE A 74 23.07 -21.85 -11.16
C PHE A 74 23.87 -21.17 -12.25
N ASP A 75 23.15 -20.87 -13.33
CA ASP A 75 23.66 -20.16 -14.49
C ASP A 75 22.85 -18.88 -14.55
N TYR A 76 23.47 -17.82 -15.05
CA TYR A 76 22.80 -16.54 -15.24
C TYR A 76 22.99 -16.23 -16.71
N TRP A 77 21.88 -16.11 -17.44
CA TRP A 77 21.92 -15.76 -18.85
C TRP A 77 21.54 -14.30 -18.94
N LYS A 78 22.10 -13.60 -19.92
CA LYS A 78 21.85 -12.16 -20.03
C LYS A 78 21.41 -11.68 -21.42
N GLY A 79 20.62 -10.62 -21.42
CA GLY A 79 20.13 -10.03 -22.66
C GLY A 79 19.75 -8.59 -22.38
N THR A 80 19.83 -7.73 -23.39
CA THR A 80 19.51 -6.32 -23.19
C THR A 80 18.39 -5.79 -24.07
N ILE A 81 17.41 -5.12 -23.46
CA ILE A 81 16.33 -4.52 -24.21
C ILE A 81 16.82 -3.08 -24.42
N PRO A 82 16.80 -2.60 -25.67
CA PRO A 82 17.25 -1.25 -26.00
C PRO A 82 16.47 -0.09 -25.37
N ALA A 83 17.16 1.04 -25.24
CA ALA A 83 16.57 2.24 -24.66
C ALA A 83 15.67 3.01 -25.62
N SER A 84 14.54 3.47 -25.10
CA SER A 84 13.58 4.29 -25.86
C SER A 84 12.50 4.75 -24.87
N PRO A 85 11.70 5.75 -25.26
CA PRO A 85 10.64 6.28 -24.40
C PRO A 85 9.41 5.39 -24.25
N SER A 86 9.30 4.36 -25.08
CA SER A 86 8.12 3.50 -25.07
C SER A 86 7.99 2.44 -24.00
N ILE A 87 6.74 2.18 -23.60
CA ILE A 87 6.42 1.15 -22.64
C ILE A 87 6.64 -0.17 -23.37
N LYS A 88 7.23 -1.13 -22.69
CA LYS A 88 7.50 -2.44 -23.27
C LYS A 88 7.13 -3.51 -22.25
N TYR A 89 6.78 -4.69 -22.73
CA TYR A 89 6.39 -5.79 -21.85
C TYR A 89 7.17 -7.01 -22.32
N TYR A 90 7.87 -7.68 -21.40
CA TYR A 90 8.66 -8.84 -21.79
C TYR A 90 8.40 -10.13 -21.04
N ARG A 91 8.79 -11.23 -21.70
CA ARG A 91 8.67 -12.59 -21.18
C ARG A 91 9.89 -13.34 -21.73
N PHE A 92 10.18 -14.52 -21.19
CA PHE A 92 11.33 -15.29 -21.63
C PHE A 92 10.95 -16.64 -22.23
N GLN A 93 11.65 -17.02 -23.30
CA GLN A 93 11.45 -18.34 -23.90
C GLN A 93 12.72 -19.09 -23.49
N ILE A 94 12.55 -20.26 -22.88
CA ILE A 94 13.70 -21.03 -22.42
C ILE A 94 13.67 -22.42 -23.05
N ASN A 95 14.76 -22.78 -23.70
CA ASN A 95 14.83 -24.07 -24.38
C ASN A 95 16.00 -24.95 -23.94
N ASP A 96 15.73 -26.25 -23.89
CA ASP A 96 16.73 -27.26 -23.61
C ASP A 96 16.35 -28.37 -24.57
N GLY A 97 16.98 -28.35 -25.74
CA GLY A 97 16.65 -29.35 -26.73
C GLY A 97 15.19 -29.25 -27.12
N THR A 98 14.49 -30.38 -27.07
CA THR A 98 13.08 -30.45 -27.43
C THR A 98 12.13 -29.91 -26.37
N SER A 99 12.67 -29.41 -25.27
CA SER A 99 11.84 -28.86 -24.19
C SER A 99 11.88 -27.34 -24.20
N THR A 100 10.71 -26.73 -24.18
CA THR A 100 10.60 -25.28 -24.15
C THR A 100 9.67 -24.87 -23.02
N ALA A 101 10.08 -23.83 -22.28
CA ALA A 101 9.28 -23.30 -21.19
C ALA A 101 9.24 -21.80 -21.38
N TRP A 102 8.23 -21.15 -20.81
CA TRP A 102 8.10 -19.70 -20.88
C TRP A 102 8.13 -19.18 -19.46
N TYR A 103 8.45 -17.91 -19.30
CA TYR A 103 8.52 -17.33 -17.96
C TYR A 103 8.23 -15.83 -17.99
N ASN A 104 7.41 -15.37 -17.06
CA ASN A 104 7.14 -13.94 -16.96
C ASN A 104 6.71 -13.59 -15.54
N GLY A 105 5.96 -12.51 -15.37
CA GLY A 105 5.55 -12.10 -14.05
C GLY A 105 4.87 -13.18 -13.22
N ASN A 106 4.19 -14.09 -13.89
CA ASN A 106 3.48 -15.18 -13.23
C ASN A 106 4.33 -16.44 -13.08
N GLY A 107 5.63 -16.33 -13.38
CA GLY A 107 6.50 -17.47 -13.25
C GLY A 107 6.55 -18.36 -14.49
N PRO A 108 6.98 -19.63 -14.34
CA PRO A 108 7.08 -20.60 -15.44
C PRO A 108 5.75 -21.11 -16.00
N SER A 109 5.77 -21.48 -17.26
CA SER A 109 4.60 -21.98 -17.95
C SER A 109 5.03 -22.87 -19.11
N SER A 110 4.25 -23.91 -19.41
CA SER A 110 4.57 -24.78 -20.52
C SER A 110 4.10 -24.11 -21.80
N THR A 111 2.96 -23.44 -21.73
CA THR A 111 2.40 -22.72 -22.88
C THR A 111 2.81 -21.26 -22.80
N GLU A 112 2.89 -20.59 -23.94
CA GLU A 112 3.27 -19.17 -23.93
C GLU A 112 2.15 -18.32 -23.37
N PRO A 113 2.44 -17.50 -22.34
CA PRO A 113 1.43 -16.65 -21.73
C PRO A 113 1.12 -15.46 -22.63
N ASN A 114 0.00 -14.79 -22.38
CA ASN A 114 -0.38 -13.61 -23.17
C ASN A 114 -0.66 -12.43 -22.26
N ALA A 115 -0.44 -12.63 -20.96
CA ALA A 115 -0.65 -11.60 -19.95
C ALA A 115 0.34 -11.83 -18.81
N ASP A 116 0.40 -10.87 -17.89
CA ASP A 116 1.30 -10.94 -16.74
C ASP A 116 2.79 -10.86 -17.11
N ASP A 117 3.09 -10.17 -18.21
CA ASP A 117 4.47 -9.98 -18.64
C ASP A 117 5.12 -8.97 -17.70
N PHE A 118 6.45 -8.89 -17.74
CA PHE A 118 7.14 -7.91 -16.90
C PHE A 118 7.02 -6.55 -17.59
N TYR A 119 7.08 -5.49 -16.80
CA TYR A 119 6.94 -4.12 -17.30
C TYR A 119 8.20 -3.28 -17.38
N ILE A 120 8.28 -2.50 -18.44
CA ILE A 120 9.35 -1.55 -18.62
C ILE A 120 8.62 -0.28 -18.99
N ILE A 121 8.56 0.67 -18.06
CA ILE A 121 7.86 1.92 -18.30
C ILE A 121 8.84 3.08 -18.15
N PRO A 122 9.48 3.48 -19.26
CA PRO A 122 10.45 4.58 -19.22
C PRO A 122 9.95 5.86 -18.57
N ASN A 123 10.79 6.44 -17.72
CA ASN A 123 10.52 7.69 -17.02
C ASN A 123 9.50 7.61 -15.88
N PHE A 124 8.96 6.43 -15.63
CA PHE A 124 8.00 6.25 -14.55
C PHE A 124 8.78 6.00 -13.27
N LYS A 125 8.53 6.82 -12.25
CA LYS A 125 9.23 6.70 -10.98
C LYS A 125 8.28 6.87 -9.81
N THR A 126 8.41 6.02 -8.79
CA THR A 126 7.58 6.15 -7.59
C THR A 126 8.59 6.56 -6.51
N PRO A 127 8.16 7.38 -5.54
CA PRO A 127 9.08 7.82 -4.47
C PRO A 127 9.80 6.71 -3.73
N ASP A 128 11.13 6.78 -3.75
CA ASP A 128 11.92 5.76 -3.06
C ASP A 128 11.66 5.74 -1.56
N TRP A 129 11.33 6.87 -0.96
CA TRP A 129 11.05 6.87 0.47
C TRP A 129 9.80 6.04 0.77
N LEU A 130 8.90 5.95 -0.22
CA LEU A 130 7.67 5.19 -0.05
C LEU A 130 7.99 3.69 -0.15
N LYS A 131 8.83 3.32 -1.11
CA LYS A 131 9.22 1.92 -1.29
C LYS A 131 9.94 1.41 -0.05
N ASN A 132 10.75 2.28 0.54
CA ASN A 132 11.56 1.91 1.70
C ASN A 132 11.02 2.23 3.08
N GLY A 133 9.86 2.87 3.15
CA GLY A 133 9.33 3.22 4.45
C GLY A 133 8.31 2.29 5.09
N VAL A 134 7.88 2.69 6.28
CA VAL A 134 6.87 1.98 7.03
C VAL A 134 5.85 3.05 7.39
N MET A 135 4.59 2.79 7.05
CA MET A 135 3.51 3.75 7.25
C MET A 135 2.66 3.46 8.48
N TYR A 136 2.08 4.51 9.04
CA TYR A 136 1.21 4.38 10.20
C TYR A 136 -0.03 5.21 9.91
N GLN A 137 -1.19 4.56 9.82
CA GLN A 137 -2.43 5.26 9.52
C GLN A 137 -3.20 5.64 10.78
N ILE A 138 -3.57 6.92 10.87
CA ILE A 138 -4.31 7.44 12.01
C ILE A 138 -5.65 8.07 11.62
N PHE A 139 -6.69 7.70 12.37
CA PHE A 139 -8.03 8.24 12.21
C PHE A 139 -8.01 9.23 13.39
N PRO A 140 -7.69 10.50 13.10
CA PRO A 140 -7.56 11.64 14.02
C PRO A 140 -8.33 11.72 15.32
N ASP A 141 -9.65 11.61 15.25
CA ASP A 141 -10.46 11.71 16.46
C ASP A 141 -10.28 10.56 17.45
N ARG A 142 -9.66 9.47 16.99
CA ARG A 142 -9.50 8.30 17.85
C ARG A 142 -8.08 7.93 18.30
N PHE A 143 -7.10 8.77 17.99
CA PHE A 143 -5.72 8.44 18.37
C PHE A 143 -5.30 9.02 19.72
N TYR A 144 -5.22 10.34 19.82
CA TYR A 144 -4.85 10.96 21.09
C TYR A 144 -5.34 12.40 21.20
N ASN A 145 -6.02 12.69 22.30
CA ASN A 145 -6.55 14.04 22.54
C ASN A 145 -5.45 14.87 23.21
N GLY A 146 -4.67 15.58 22.40
CA GLY A 146 -3.59 16.38 22.92
C GLY A 146 -3.97 17.78 23.38
N ASP A 147 -5.22 18.17 23.12
CA ASP A 147 -5.70 19.49 23.51
C ASP A 147 -7.19 19.44 23.72
N SER A 148 -7.61 19.38 24.99
CA SER A 148 -9.02 19.30 25.33
C SER A 148 -9.82 20.55 25.01
N SER A 149 -9.14 21.68 24.83
CA SER A 149 -9.83 22.94 24.55
C SER A 149 -10.57 23.00 23.21
N ASN A 150 -10.22 22.13 22.28
CA ASN A 150 -10.87 22.11 20.98
C ASN A 150 -11.88 20.98 20.84
N ASP A 151 -12.08 20.23 21.91
CA ASP A 151 -13.00 19.09 21.89
C ASP A 151 -14.43 19.45 21.52
N VAL A 152 -15.05 18.57 20.75
CA VAL A 152 -16.44 18.74 20.36
C VAL A 152 -17.20 18.15 21.54
N GLN A 153 -18.08 18.93 22.14
CA GLN A 153 -18.86 18.47 23.29
C GLN A 153 -20.23 17.98 22.84
N THR A 154 -20.93 17.29 23.72
CA THR A 154 -22.27 16.82 23.38
C THR A 154 -23.11 18.09 23.20
N GLY A 155 -23.77 18.20 22.06
CA GLY A 155 -24.60 19.36 21.80
C GLY A 155 -23.87 20.59 21.28
N SER A 156 -22.55 20.51 21.11
CA SER A 156 -21.76 21.65 20.62
C SER A 156 -22.36 22.26 19.35
N TYR A 157 -22.84 21.39 18.48
CA TYR A 157 -23.47 21.84 17.24
C TYR A 157 -24.30 20.70 16.70
N THR A 158 -25.12 21.00 15.71
CA THR A 158 -25.98 20.00 15.12
C THR A 158 -25.72 19.90 13.63
N TYR A 159 -25.88 18.70 13.08
CA TYR A 159 -25.69 18.49 11.66
C TYR A 159 -26.91 17.73 11.14
N ASN A 160 -27.62 18.34 10.21
CA ASN A 160 -28.80 17.74 9.61
C ASN A 160 -29.82 17.32 10.69
N GLY A 161 -30.01 18.17 11.68
CA GLY A 161 -30.97 17.88 12.74
C GLY A 161 -30.49 17.00 13.88
N THR A 162 -29.23 16.58 13.86
CA THR A 162 -28.73 15.74 14.94
C THR A 162 -27.56 16.39 15.67
N PRO A 163 -27.65 16.48 17.01
CA PRO A 163 -26.59 17.09 17.82
C PRO A 163 -25.39 16.16 17.95
N THR A 164 -24.22 16.75 18.18
CA THR A 164 -23.00 15.97 18.36
C THR A 164 -23.00 15.33 19.76
N GLU A 165 -22.26 14.24 19.91
CA GLU A 165 -22.16 13.55 21.19
C GLU A 165 -20.70 13.28 21.52
N LYS A 166 -20.29 13.62 22.74
CA LYS A 166 -18.92 13.37 23.16
C LYS A 166 -18.85 12.12 24.03
N LYS A 167 -17.92 11.24 23.69
CA LYS A 167 -17.74 9.98 24.42
C LYS A 167 -16.52 10.02 25.32
N ALA A 168 -16.59 9.28 26.42
CA ALA A 168 -15.47 9.18 27.34
C ALA A 168 -14.45 8.32 26.60
N TRP A 169 -13.17 8.65 26.73
CA TRP A 169 -12.15 7.88 26.03
C TRP A 169 -12.23 6.41 26.43
N GLY A 170 -12.14 5.52 25.44
CA GLY A 170 -12.20 4.10 25.72
C GLY A 170 -13.60 3.51 25.67
N SER A 171 -14.62 4.36 25.72
CA SER A 171 -16.00 3.88 25.68
C SER A 171 -16.38 3.47 24.26
N SER A 172 -17.61 2.95 24.12
CA SER A 172 -18.11 2.50 22.83
C SER A 172 -18.29 3.64 21.82
N VAL A 173 -18.02 3.35 20.56
CA VAL A 173 -18.14 4.34 19.49
C VAL A 173 -19.58 4.52 19.02
N TYR A 174 -20.46 3.60 19.37
CA TYR A 174 -21.85 3.69 18.94
C TYR A 174 -22.58 4.83 19.64
N ALA A 175 -23.30 5.62 18.86
CA ALA A 175 -24.06 6.76 19.37
C ALA A 175 -25.25 6.30 20.21
N ASP A 176 -25.53 7.03 21.28
CA ASP A 176 -26.64 6.73 22.17
C ASP A 176 -27.93 7.20 21.51
N PRO A 177 -29.09 6.80 22.05
CA PRO A 177 -30.36 7.23 21.46
C PRO A 177 -30.43 8.75 21.31
N GLY A 178 -30.84 9.21 20.14
CA GLY A 178 -30.94 10.63 19.88
C GLY A 178 -29.72 11.20 19.19
N TYR A 179 -28.69 10.37 19.02
CA TYR A 179 -27.47 10.81 18.36
C TYR A 179 -27.15 9.95 17.14
N ASP A 180 -26.11 10.33 16.40
CA ASP A 180 -25.72 9.61 15.18
C ASP A 180 -24.26 9.10 15.26
N ASN A 181 -24.01 7.92 14.71
CA ASN A 181 -22.67 7.33 14.74
C ASN A 181 -21.59 8.21 14.11
N SER A 182 -21.98 8.97 13.08
CA SER A 182 -21.04 9.85 12.38
C SER A 182 -20.84 11.18 13.09
N LEU A 183 -21.53 11.37 14.22
CA LEU A 183 -21.41 12.60 14.97
C LEU A 183 -20.99 12.31 16.41
N VAL A 184 -20.20 11.26 16.57
CA VAL A 184 -19.68 10.86 17.87
C VAL A 184 -18.21 11.25 17.93
N PHE A 185 -17.82 12.01 18.95
CA PHE A 185 -16.44 12.45 19.06
C PHE A 185 -15.73 12.09 20.36
N PHE A 186 -14.46 11.67 20.22
CA PHE A 186 -13.65 11.30 21.38
C PHE A 186 -12.63 12.35 21.74
N GLY A 187 -12.33 13.26 20.82
CA GLY A 187 -11.38 14.32 21.11
C GLY A 187 -9.99 14.27 20.50
N GLY A 188 -9.69 13.22 19.74
CA GLY A 188 -8.37 13.12 19.12
C GLY A 188 -8.11 14.32 18.22
N ASP A 189 -6.88 14.82 18.22
CA ASP A 189 -6.53 15.99 17.42
C ASP A 189 -5.07 15.98 16.92
N LEU A 190 -4.70 17.00 16.15
CA LEU A 190 -3.34 17.08 15.61
C LEU A 190 -2.28 17.30 16.68
N ALA A 191 -2.62 18.04 17.73
CA ALA A 191 -1.67 18.28 18.81
C ALA A 191 -1.32 16.92 19.44
N GLY A 192 -2.34 16.08 19.58
CA GLY A 192 -2.16 14.77 20.15
C GLY A 192 -1.21 13.92 19.32
N ILE A 193 -1.41 13.93 18.00
CA ILE A 193 -0.54 13.17 17.11
C ILE A 193 0.88 13.68 17.28
N ASP A 194 1.03 15.00 17.26
CA ASP A 194 2.32 15.63 17.41
C ASP A 194 3.00 15.22 18.72
N GLN A 195 2.24 15.18 19.81
CA GLN A 195 2.77 14.80 21.11
C GLN A 195 3.11 13.31 21.20
N LYS A 196 2.56 12.53 20.28
CA LYS A 196 2.81 11.08 20.27
C LYS A 196 3.78 10.65 19.16
N LEU A 197 4.47 11.60 18.53
CA LEU A 197 5.40 11.25 17.48
C LEU A 197 6.54 10.37 17.98
N GLY A 198 6.85 10.49 19.26
CA GLY A 198 7.90 9.67 19.84
C GLY A 198 7.52 8.20 19.76
N TYR A 199 6.25 7.92 20.07
CA TYR A 199 5.75 6.55 20.01
C TYR A 199 5.82 6.04 18.58
N ILE A 200 5.31 6.84 17.65
CA ILE A 200 5.29 6.46 16.24
C ILE A 200 6.68 6.29 15.64
N LYS A 201 7.48 7.34 15.67
CA LYS A 201 8.81 7.31 15.10
C LYS A 201 9.91 6.59 15.88
N LYS A 202 9.70 6.38 17.18
CA LYS A 202 10.71 5.71 17.99
C LYS A 202 10.28 4.37 18.60
N THR A 203 9.20 4.38 19.39
CA THR A 203 8.72 3.15 20.01
C THR A 203 8.42 2.09 18.97
N LEU A 204 7.84 2.51 17.85
CA LEU A 204 7.54 1.58 16.76
C LEU A 204 8.61 1.72 15.71
N GLY A 205 8.79 2.93 15.19
CA GLY A 205 9.81 3.16 14.17
C GLY A 205 9.29 3.52 12.79
N ALA A 206 7.98 3.67 12.66
CA ALA A 206 7.39 4.03 11.36
C ALA A 206 7.84 5.45 10.99
N ASN A 207 8.13 5.68 9.71
CA ASN A 207 8.56 7.01 9.27
C ASN A 207 7.58 7.71 8.34
N ILE A 208 6.41 7.10 8.12
CA ILE A 208 5.39 7.71 7.27
C ILE A 208 4.05 7.70 8.00
N LEU A 209 3.41 8.86 8.09
CA LEU A 209 2.09 8.94 8.71
C LEU A 209 1.06 9.24 7.63
N TYR A 210 -0.04 8.49 7.65
CA TYR A 210 -1.14 8.71 6.71
C TYR A 210 -2.34 9.01 7.59
N LEU A 211 -2.96 10.16 7.37
CA LEU A 211 -4.11 10.55 8.18
C LEU A 211 -5.39 10.52 7.38
N ASN A 212 -6.48 10.10 8.03
CA ASN A 212 -7.78 10.12 7.40
C ASN A 212 -8.08 11.64 7.32
N PRO A 213 -9.16 12.04 6.64
CA PRO A 213 -9.48 13.48 6.51
C PRO A 213 -9.31 14.38 7.73
N ILE A 214 -8.68 15.54 7.53
CA ILE A 214 -8.46 16.48 8.62
C ILE A 214 -9.02 17.87 8.35
N PHE A 215 -9.64 18.07 7.19
CA PHE A 215 -10.19 19.37 6.84
C PHE A 215 -11.60 19.56 7.40
N LYS A 216 -11.99 20.81 7.58
CA LYS A 216 -13.30 21.15 8.14
C LYS A 216 -14.46 20.38 7.53
N ALA A 217 -15.20 19.68 8.40
CA ALA A 217 -16.36 18.88 8.02
C ALA A 217 -17.14 18.57 9.29
N PRO A 218 -18.47 18.45 9.19
CA PRO A 218 -19.32 18.17 10.35
C PRO A 218 -19.20 16.79 11.02
N THR A 219 -18.91 15.75 10.26
CA THR A 219 -18.81 14.40 10.84
C THR A 219 -17.48 14.11 11.53
N ASN A 220 -17.41 12.93 12.17
CA ASN A 220 -16.19 12.54 12.85
C ASN A 220 -15.16 11.93 11.91
N HIS A 221 -15.59 11.50 10.72
CA HIS A 221 -14.68 10.92 9.75
C HIS A 221 -14.21 11.99 8.75
N LYS A 222 -15.06 12.99 8.55
CA LYS A 222 -14.80 14.14 7.69
C LYS A 222 -14.55 13.91 6.20
N TYR A 223 -15.22 12.91 5.63
CA TYR A 223 -15.11 12.67 4.20
C TYR A 223 -16.16 13.55 3.53
N ASP A 224 -16.95 14.24 4.35
CA ASP A 224 -17.98 15.15 3.84
C ASP A 224 -17.45 16.58 4.01
N THR A 225 -16.37 16.86 3.29
CA THR A 225 -15.68 18.14 3.34
C THR A 225 -16.51 19.42 3.24
N GLN A 226 -16.25 20.36 4.14
CA GLN A 226 -16.92 21.65 4.13
C GLN A 226 -15.93 22.74 3.71
N ASP A 227 -14.64 22.52 3.97
CA ASP A 227 -13.60 23.47 3.58
C ASP A 227 -12.25 22.78 3.50
N TYR A 228 -11.77 22.55 2.27
CA TYR A 228 -10.47 21.90 2.08
C TYR A 228 -9.31 22.77 2.55
N MET A 229 -9.53 24.08 2.60
CA MET A 229 -8.46 25.00 2.96
C MET A 229 -8.28 25.28 4.45
N ALA A 230 -9.06 24.61 5.29
CA ALA A 230 -8.93 24.81 6.73
C ALA A 230 -8.97 23.49 7.49
N VAL A 231 -8.05 23.35 8.44
CA VAL A 231 -8.02 22.17 9.29
C VAL A 231 -9.28 22.31 10.12
N ASP A 232 -9.97 21.20 10.39
CA ASP A 232 -11.19 21.27 11.17
C ASP A 232 -10.87 21.78 12.58
N PRO A 233 -11.68 22.72 13.11
CA PRO A 233 -11.47 23.29 14.45
C PRO A 233 -11.24 22.27 15.55
N ALA A 234 -11.90 21.12 15.46
CA ALA A 234 -11.75 20.07 16.46
C ALA A 234 -10.34 19.48 16.47
N PHE A 235 -9.67 19.52 15.32
CA PHE A 235 -8.32 18.98 15.19
C PHE A 235 -7.24 20.03 15.41
N GLY A 236 -7.62 21.30 15.35
CA GLY A 236 -6.69 22.39 15.53
C GLY A 236 -6.89 23.39 14.40
N ASP A 237 -5.85 24.15 14.06
CA ASP A 237 -5.97 25.10 12.96
C ASP A 237 -4.83 24.83 11.98
N ASN A 238 -4.73 25.60 10.91
CA ASN A 238 -3.66 25.35 9.94
C ASN A 238 -2.28 25.51 10.53
N SER A 239 -2.16 26.32 11.58
CA SER A 239 -0.89 26.53 12.25
C SER A 239 -0.51 25.24 12.99
N THR A 240 -1.51 24.58 13.57
CA THR A 240 -1.28 23.34 14.28
C THR A 240 -0.74 22.32 13.29
N LEU A 241 -1.31 22.31 12.09
CA LEU A 241 -0.87 21.39 11.04
C LEU A 241 0.57 21.63 10.64
N GLN A 242 0.94 22.90 10.48
CA GLN A 242 2.30 23.24 10.10
C GLN A 242 3.30 22.77 11.15
N THR A 243 2.92 22.87 12.42
CA THR A 243 3.81 22.44 13.49
C THR A 243 3.98 20.92 13.45
N LEU A 244 2.87 20.21 13.23
CA LEU A 244 2.92 18.75 13.15
C LEU A 244 3.83 18.33 12.00
N ILE A 245 3.69 18.99 10.86
CA ILE A 245 4.50 18.67 9.68
C ILE A 245 5.99 18.89 9.98
N ASN A 246 6.31 20.00 10.63
CA ASN A 246 7.71 20.29 10.96
C ASN A 246 8.28 19.19 11.86
N ASP A 247 7.49 18.77 12.85
CA ASP A 247 7.91 17.73 13.78
C ASP A 247 8.01 16.36 13.13
N ILE A 248 7.19 16.12 12.11
CA ILE A 248 7.22 14.86 11.38
C ILE A 248 8.47 14.83 10.51
N HIS A 249 8.75 15.96 9.86
CA HIS A 249 9.91 16.07 8.98
C HIS A 249 11.23 16.13 9.75
N SER A 250 11.16 16.55 11.00
CA SER A 250 12.34 16.65 11.85
C SER A 250 13.12 15.36 11.97
N THR A 251 14.44 15.49 12.09
CA THR A 251 15.32 14.33 12.24
C THR A 251 15.96 14.40 13.62
N ALA A 252 15.41 15.28 14.46
CA ALA A 252 15.92 15.46 15.81
C ALA A 252 15.13 14.60 16.80
N ASN A 253 13.94 14.17 16.40
CA ASN A 253 13.10 13.33 17.26
C ASN A 253 12.97 11.91 16.71
N GLY A 254 13.89 11.55 15.83
CA GLY A 254 13.85 10.23 15.23
C GLY A 254 14.18 10.32 13.76
N PRO A 255 13.85 9.28 12.96
CA PRO A 255 14.15 9.32 11.53
C PRO A 255 13.28 10.36 10.81
N LYS A 256 13.78 10.86 9.69
CA LYS A 256 13.05 11.83 8.89
C LYS A 256 11.68 11.23 8.58
N GLY A 257 10.63 12.02 8.77
CA GLY A 257 9.28 11.53 8.52
C GLY A 257 8.60 12.15 7.31
N TYR A 258 7.51 11.50 6.89
CA TYR A 258 6.73 11.94 5.74
C TYR A 258 5.25 11.94 6.12
N LEU A 259 4.49 12.87 5.56
CA LEU A 259 3.07 12.95 5.85
C LEU A 259 2.23 12.82 4.58
N ILE A 260 1.27 11.91 4.62
CA ILE A 260 0.37 11.70 3.51
C ILE A 260 -1.04 12.05 3.99
N LEU A 261 -1.70 12.98 3.29
CA LEU A 261 -3.05 13.37 3.66
C LEU A 261 -4.07 12.65 2.81
N ASP A 262 -5.31 12.59 3.31
CA ASP A 262 -6.40 11.94 2.60
C ASP A 262 -7.03 13.01 1.72
N GLY A 263 -7.04 12.78 0.41
CA GLY A 263 -7.63 13.72 -0.52
C GLY A 263 -9.00 13.24 -0.97
N VAL A 264 -10.05 13.91 -0.51
CA VAL A 264 -11.42 13.52 -0.85
C VAL A 264 -11.86 14.41 -2.00
N PHE A 265 -11.51 14.00 -3.21
CA PHE A 265 -11.80 14.79 -4.41
C PHE A 265 -12.94 14.33 -5.32
N ASN A 266 -13.55 13.18 -5.04
CA ASN A 266 -14.65 12.73 -5.88
C ASN A 266 -15.92 13.51 -5.58
N HIS A 267 -16.02 13.97 -4.34
CA HIS A 267 -17.20 14.67 -3.87
C HIS A 267 -16.85 15.57 -2.69
N THR A 268 -17.79 16.42 -2.31
CA THR A 268 -17.64 17.29 -1.15
C THR A 268 -18.79 16.90 -0.23
N GLY A 269 -18.89 17.54 0.92
CA GLY A 269 -19.99 17.26 1.82
C GLY A 269 -21.14 18.16 1.38
N ASP A 270 -22.36 17.85 1.81
CA ASP A 270 -23.49 18.69 1.42
C ASP A 270 -23.51 20.03 2.15
N SER A 271 -22.59 20.21 3.11
CA SER A 271 -22.54 21.45 3.85
C SER A 271 -21.41 22.38 3.37
N HIS A 272 -20.76 22.00 2.27
CA HIS A 272 -19.69 22.82 1.70
C HIS A 272 -20.33 24.04 1.05
N PRO A 273 -19.73 25.23 1.18
CA PRO A 273 -20.33 26.42 0.56
C PRO A 273 -20.64 26.32 -0.93
N TRP A 274 -19.91 25.50 -1.67
CA TRP A 274 -20.19 25.35 -3.10
C TRP A 274 -21.57 24.73 -3.32
N PHE A 275 -22.03 23.96 -2.34
CA PHE A 275 -23.34 23.28 -2.40
C PHE A 275 -24.30 23.99 -1.44
N ASP A 276 -23.91 24.01 -0.17
CA ASP A 276 -24.63 24.68 0.91
C ASP A 276 -26.10 24.29 1.10
N LYS A 277 -26.34 22.99 1.24
CA LYS A 277 -27.70 22.47 1.40
C LYS A 277 -28.48 23.02 2.60
N TYR A 278 -27.78 23.35 3.68
CA TYR A 278 -28.44 23.86 4.88
C TYR A 278 -28.23 25.34 5.13
N ASN A 279 -27.80 26.06 4.10
CA ASN A 279 -27.54 27.49 4.18
C ASN A 279 -26.71 27.87 5.40
N ASN A 280 -25.48 27.37 5.44
CA ASN A 280 -24.57 27.64 6.54
C ASN A 280 -23.63 28.79 6.20
N PHE A 281 -23.82 29.37 5.01
CA PHE A 281 -22.99 30.47 4.54
C PHE A 281 -23.83 31.51 3.82
N SER A 282 -23.41 32.77 3.92
CA SER A 282 -24.15 33.85 3.27
C SER A 282 -24.10 33.72 1.74
N SER A 283 -23.09 33.02 1.24
CA SER A 283 -22.96 32.80 -0.20
C SER A 283 -24.04 31.84 -0.69
N GLN A 284 -24.30 31.84 -2.00
CA GLN A 284 -25.30 30.95 -2.57
C GLN A 284 -24.67 29.71 -3.20
N GLY A 285 -24.97 28.55 -2.62
CA GLY A 285 -24.42 27.29 -3.13
C GLY A 285 -25.27 26.73 -4.26
N ALA A 286 -24.74 25.69 -4.92
CA ALA A 286 -25.45 25.06 -6.04
C ALA A 286 -26.83 24.56 -5.65
N TYR A 287 -26.96 24.05 -4.44
CA TYR A 287 -28.25 23.53 -3.97
C TYR A 287 -29.25 24.67 -3.78
N GLU A 288 -28.75 25.84 -3.38
CA GLU A 288 -29.58 27.00 -3.12
C GLU A 288 -30.04 27.81 -4.33
N SER A 289 -29.22 27.84 -5.37
CA SER A 289 -29.56 28.63 -6.56
C SER A 289 -28.92 28.10 -7.84
N GLN A 290 -29.68 28.09 -8.92
CA GLN A 290 -29.14 27.61 -10.18
C GLN A 290 -28.30 28.73 -10.80
N SER A 291 -28.21 29.85 -10.08
CA SER A 291 -27.41 30.99 -10.52
C SER A 291 -26.14 31.06 -9.69
N SER A 292 -25.98 30.10 -8.78
CA SER A 292 -24.80 30.03 -7.93
C SER A 292 -23.53 29.99 -8.79
N PRO A 293 -22.46 30.69 -8.35
CA PRO A 293 -21.24 30.66 -9.15
C PRO A 293 -20.61 29.27 -9.19
N TRP A 294 -21.08 28.37 -8.32
CA TRP A 294 -20.56 27.01 -8.28
C TRP A 294 -21.60 26.00 -8.74
N TYR A 295 -22.67 26.49 -9.36
CA TYR A 295 -23.73 25.59 -9.82
C TYR A 295 -23.25 24.42 -10.66
N ASN A 296 -22.33 24.68 -11.58
CA ASN A 296 -21.84 23.61 -12.43
C ASN A 296 -20.75 22.72 -11.83
N TYR A 297 -20.49 22.89 -10.54
CA TYR A 297 -19.50 22.05 -9.87
C TYR A 297 -20.18 20.72 -9.58
N TYR A 298 -21.50 20.68 -9.68
CA TYR A 298 -22.25 19.47 -9.40
C TYR A 298 -23.18 19.08 -10.55
N THR A 299 -23.81 17.93 -10.41
CA THR A 299 -24.72 17.42 -11.43
C THR A 299 -26.09 17.12 -10.84
N PHE A 300 -27.08 17.89 -11.28
CA PHE A 300 -28.45 17.71 -10.79
C PHE A 300 -29.31 17.00 -11.81
N TYR A 301 -30.05 16.00 -11.35
CA TYR A 301 -30.95 15.26 -12.23
C TYR A 301 -32.27 16.00 -12.15
N THR A 302 -32.61 16.44 -10.93
CA THR A 302 -33.81 17.22 -10.68
C THR A 302 -33.44 18.20 -9.60
N TRP A 303 -33.07 19.42 -10.00
CA TRP A 303 -32.67 20.44 -9.04
C TRP A 303 -33.80 20.76 -8.07
N PRO A 304 -33.49 20.86 -6.77
CA PRO A 304 -32.16 20.68 -6.18
C PRO A 304 -31.99 19.40 -5.38
N ASP A 305 -33.05 18.63 -5.22
CA ASP A 305 -32.97 17.43 -4.40
C ASP A 305 -32.39 16.14 -4.95
N SER A 306 -32.34 16.02 -6.28
CA SER A 306 -31.79 14.81 -6.89
C SER A 306 -30.52 15.16 -7.65
N TYR A 307 -29.39 14.66 -7.17
CA TYR A 307 -28.10 14.95 -7.78
C TYR A 307 -27.13 13.77 -7.68
N ALA A 308 -26.07 13.81 -8.48
CA ALA A 308 -25.06 12.76 -8.47
C ALA A 308 -24.31 12.80 -7.14
N SER A 309 -24.00 11.63 -6.60
CA SER A 309 -23.31 11.56 -5.31
C SER A 309 -22.44 10.32 -5.21
N PHE A 310 -21.78 10.18 -4.06
CA PHE A 310 -20.97 9.00 -3.82
C PHE A 310 -21.90 7.90 -3.31
N LEU A 311 -22.03 6.84 -4.10
CA LEU A 311 -22.85 5.70 -3.73
C LEU A 311 -24.24 6.03 -3.19
N GLY A 312 -24.92 6.99 -3.81
CA GLY A 312 -26.27 7.34 -3.37
C GLY A 312 -26.39 8.13 -2.08
N PHE A 313 -25.26 8.45 -1.45
CA PHE A 313 -25.30 9.24 -0.22
C PHE A 313 -25.53 10.72 -0.56
N ASN A 314 -26.71 11.23 -0.22
CA ASN A 314 -27.04 12.63 -0.49
C ASN A 314 -26.14 13.60 0.25
N SER A 315 -25.48 13.11 1.30
CA SER A 315 -24.58 13.96 2.08
C SER A 315 -23.25 14.16 1.36
N LEU A 316 -23.05 13.43 0.27
CA LEU A 316 -21.80 13.52 -0.49
C LEU A 316 -22.00 13.84 -1.97
N PRO A 317 -22.42 15.08 -2.29
CA PRO A 317 -22.64 15.47 -3.69
C PRO A 317 -21.34 15.33 -4.52
N LYS A 318 -21.46 14.67 -5.66
CA LYS A 318 -20.33 14.40 -6.56
C LYS A 318 -19.91 15.60 -7.41
N LEU A 319 -18.60 15.85 -7.45
CA LEU A 319 -18.06 16.96 -8.22
C LEU A 319 -17.97 16.66 -9.71
N ASN A 320 -18.37 17.63 -10.52
CA ASN A 320 -18.32 17.48 -11.97
C ASN A 320 -17.00 18.04 -12.49
N TYR A 321 -16.11 17.15 -12.89
CA TYR A 321 -14.80 17.56 -13.40
C TYR A 321 -14.79 18.15 -14.80
N GLY A 322 -15.92 18.09 -15.48
CA GLY A 322 -16.00 18.63 -16.83
C GLY A 322 -14.85 18.20 -17.72
N ASN A 323 -14.43 19.10 -18.61
CA ASN A 323 -13.32 18.82 -19.52
C ASN A 323 -12.04 19.47 -19.00
N SER A 324 -10.91 19.14 -19.62
CA SER A 324 -9.63 19.70 -19.22
C SER A 324 -9.73 21.22 -19.15
N GLY A 325 -9.14 21.82 -18.12
CA GLY A 325 -9.17 23.26 -17.97
C GLY A 325 -10.38 23.80 -17.22
N SER A 326 -11.23 22.91 -16.74
CA SER A 326 -12.44 23.32 -16.01
C SER A 326 -12.12 23.94 -14.66
N ALA A 327 -13.06 24.71 -14.13
CA ALA A 327 -12.88 25.35 -12.84
C ALA A 327 -12.70 24.32 -11.73
N VAL A 328 -13.41 23.19 -11.83
CA VAL A 328 -13.30 22.14 -10.82
C VAL A 328 -11.90 21.51 -10.86
N ARG A 329 -11.39 21.25 -12.05
CA ARG A 329 -10.05 20.68 -12.14
C ARG A 329 -9.08 21.71 -11.58
N GLY A 330 -9.42 22.98 -11.76
CA GLY A 330 -8.58 24.05 -11.26
C GLY A 330 -8.49 24.08 -9.74
N VAL A 331 -9.64 24.10 -9.05
CA VAL A 331 -9.65 24.16 -7.60
C VAL A 331 -9.16 22.90 -6.90
N ILE A 332 -9.22 21.77 -7.59
CA ILE A 332 -8.77 20.52 -6.99
C ILE A 332 -7.28 20.28 -7.19
N TYR A 333 -6.77 20.46 -8.42
CA TYR A 333 -5.34 20.21 -8.64
C TYR A 333 -4.54 21.11 -9.58
N ASN A 334 -5.17 21.75 -10.57
CA ASN A 334 -4.39 22.59 -11.49
C ASN A 334 -3.89 23.91 -10.93
N ASN A 335 -4.73 24.60 -10.17
CA ASN A 335 -4.34 25.89 -9.62
C ASN A 335 -3.23 25.77 -8.59
N SER A 336 -2.38 26.78 -8.55
CA SER A 336 -1.28 26.81 -7.59
C SER A 336 -1.91 26.84 -6.19
N ASN A 337 -3.10 27.42 -6.10
CA ASN A 337 -3.82 27.51 -4.82
C ASN A 337 -4.92 26.45 -4.70
N SER A 338 -4.81 25.38 -5.48
CA SER A 338 -5.78 24.30 -5.43
C SER A 338 -5.58 23.51 -4.14
N VAL A 339 -6.47 22.56 -3.88
CA VAL A 339 -6.34 21.75 -2.68
C VAL A 339 -5.05 20.92 -2.76
N ALA A 340 -4.86 20.25 -3.89
CA ALA A 340 -3.69 19.41 -4.06
C ALA A 340 -2.35 20.15 -4.00
N LYS A 341 -2.26 21.31 -4.63
CA LYS A 341 -1.00 22.05 -4.64
C LYS A 341 -0.73 22.88 -3.39
N THR A 342 -1.78 23.41 -2.77
CA THR A 342 -1.58 24.22 -1.56
C THR A 342 -0.81 23.49 -0.47
N TYR A 343 -1.22 22.25 -0.19
CA TYR A 343 -0.55 21.50 0.87
C TYR A 343 0.80 20.88 0.49
N LEU A 344 1.08 20.81 -0.81
CA LEU A 344 2.34 20.27 -1.29
C LEU A 344 3.42 21.35 -1.33
N ASN A 345 2.99 22.61 -1.30
CA ASN A 345 3.91 23.75 -1.32
C ASN A 345 4.08 24.32 0.08
N PRO A 346 5.15 25.09 0.30
CA PRO A 346 5.31 25.66 1.64
C PRO A 346 4.15 26.61 1.91
N PRO A 347 3.84 26.89 3.18
CA PRO A 347 4.47 26.42 4.41
C PRO A 347 3.97 25.05 4.90
N TYR A 348 3.47 24.24 3.99
CA TYR A 348 2.97 22.92 4.38
C TYR A 348 3.93 21.84 3.94
N SER A 349 4.10 21.72 2.62
CA SER A 349 5.00 20.75 2.03
C SER A 349 4.75 19.31 2.46
N VAL A 350 3.50 18.87 2.43
CA VAL A 350 3.20 17.49 2.81
C VAL A 350 3.85 16.60 1.75
N ASP A 351 3.92 15.30 2.04
CA ASP A 351 4.59 14.39 1.13
C ASP A 351 3.73 13.50 0.22
N GLY A 352 2.42 13.66 0.25
CA GLY A 352 1.60 12.82 -0.60
C GLY A 352 0.11 12.88 -0.36
N TRP A 353 -0.64 12.25 -1.26
CA TRP A 353 -2.08 12.20 -1.18
C TRP A 353 -2.62 10.79 -1.35
N ARG A 354 -3.56 10.40 -0.49
CA ARG A 354 -4.22 9.10 -0.59
C ARG A 354 -5.53 9.54 -1.25
N LEU A 355 -5.82 9.01 -2.43
CA LEU A 355 -7.02 9.39 -3.18
C LEU A 355 -8.29 8.63 -2.87
N ASN A 356 -9.18 9.28 -2.13
CA ASN A 356 -10.44 8.67 -1.75
C ASN A 356 -11.37 8.45 -2.95
N ALA A 357 -12.05 7.31 -2.97
CA ALA A 357 -13.01 6.97 -4.03
C ALA A 357 -12.50 7.37 -5.41
N ALA A 358 -11.20 7.19 -5.61
CA ALA A 358 -10.53 7.56 -6.85
C ALA A 358 -11.12 7.00 -8.15
N GLN A 359 -11.71 5.83 -8.10
CA GLN A 359 -12.26 5.22 -9.31
C GLN A 359 -13.50 5.93 -9.86
N TYR A 360 -14.20 6.66 -8.99
CA TYR A 360 -15.43 7.36 -9.39
C TYR A 360 -15.26 8.75 -9.99
N VAL A 361 -14.13 9.41 -9.71
CA VAL A 361 -13.89 10.76 -10.23
C VAL A 361 -14.21 10.82 -11.71
N ASP A 362 -15.07 11.76 -12.09
CA ASP A 362 -15.49 11.87 -13.49
C ASP A 362 -16.20 13.20 -13.74
N ALA A 363 -16.66 13.36 -14.98
CA ALA A 363 -17.39 14.55 -15.39
C ALA A 363 -18.84 14.13 -15.61
N ASN A 364 -19.75 15.10 -15.60
CA ASN A 364 -21.16 14.86 -15.88
C ASN A 364 -21.93 13.93 -14.95
N GLY A 365 -21.35 13.59 -13.80
CA GLY A 365 -22.05 12.69 -12.89
C GLY A 365 -21.87 11.22 -13.22
N ASN A 366 -21.03 10.93 -14.21
CA ASN A 366 -20.77 9.54 -14.57
C ASN A 366 -19.99 8.86 -13.45
N ASN A 367 -19.95 7.54 -13.48
CA ASN A 367 -19.28 6.80 -12.40
C ASN A 367 -17.81 6.44 -12.51
N GLY A 368 -17.10 7.09 -13.42
CA GLY A 368 -15.67 6.83 -13.56
C GLY A 368 -15.26 5.53 -14.22
N SER A 369 -14.09 5.03 -13.84
CA SER A 369 -13.54 3.81 -14.42
C SER A 369 -13.69 3.86 -15.93
N ASP A 370 -13.44 5.05 -16.48
CA ASP A 370 -13.54 5.29 -17.91
C ASP A 370 -12.39 6.17 -18.41
N VAL A 371 -12.43 6.50 -19.69
CA VAL A 371 -11.41 7.34 -20.31
C VAL A 371 -11.22 8.67 -19.56
N THR A 372 -12.32 9.33 -19.25
CA THR A 372 -12.27 10.61 -18.55
C THR A 372 -11.61 10.49 -17.18
N ASN A 373 -11.98 9.46 -16.44
CA ASN A 373 -11.43 9.23 -15.12
C ASN A 373 -9.90 9.12 -15.19
N HIS A 374 -9.41 8.30 -16.10
CA HIS A 374 -7.98 8.11 -16.23
C HIS A 374 -7.26 9.36 -16.74
N GLN A 375 -7.95 10.14 -17.57
CA GLN A 375 -7.39 11.36 -18.11
C GLN A 375 -7.20 12.35 -16.94
N ILE A 376 -8.17 12.40 -16.05
CA ILE A 376 -8.11 13.29 -14.90
C ILE A 376 -6.93 12.93 -13.99
N TRP A 377 -6.78 11.64 -13.68
CA TRP A 377 -5.67 11.25 -12.83
C TRP A 377 -4.32 11.43 -13.51
N SER A 378 -4.29 11.44 -14.84
CA SER A 378 -3.02 11.65 -15.54
C SER A 378 -2.63 13.12 -15.36
N GLU A 379 -3.62 14.01 -15.46
CA GLU A 379 -3.39 15.44 -15.29
C GLU A 379 -3.03 15.71 -13.84
N PHE A 380 -3.66 14.97 -12.94
CA PHE A 380 -3.42 15.11 -11.51
C PHE A 380 -1.95 14.77 -11.23
N ARG A 381 -1.46 13.68 -11.81
CA ARG A 381 -0.07 13.29 -11.61
C ARG A 381 0.89 14.37 -12.07
N ASN A 382 0.65 14.93 -13.25
CA ASN A 382 1.53 15.97 -13.77
C ASN A 382 1.54 17.20 -12.87
N ALA A 383 0.37 17.56 -12.34
CA ALA A 383 0.27 18.72 -11.47
C ALA A 383 1.01 18.47 -10.15
N VAL A 384 0.80 17.30 -9.58
CA VAL A 384 1.44 16.94 -8.32
C VAL A 384 2.95 16.80 -8.44
N LYS A 385 3.39 15.97 -9.37
CA LYS A 385 4.82 15.75 -9.55
C LYS A 385 5.54 17.01 -10.01
N GLY A 386 4.79 17.93 -10.64
CA GLY A 386 5.36 19.18 -11.09
C GLY A 386 5.75 20.05 -9.92
N VAL A 387 5.02 19.92 -8.82
CA VAL A 387 5.30 20.68 -7.61
C VAL A 387 6.35 19.95 -6.77
N ASN A 388 6.23 18.64 -6.69
CA ASN A 388 7.17 17.81 -5.93
C ASN A 388 7.22 16.42 -6.55
N SER A 389 8.29 16.14 -7.28
CA SER A 389 8.42 14.84 -7.94
C SER A 389 8.44 13.68 -6.95
N ASN A 390 8.73 13.98 -5.68
CA ASN A 390 8.78 12.95 -4.66
C ASN A 390 7.55 12.91 -3.76
N ALA A 391 6.47 13.53 -4.23
CA ALA A 391 5.21 13.53 -3.51
C ALA A 391 4.50 12.26 -3.97
N ALA A 392 4.03 11.45 -3.01
CA ALA A 392 3.35 10.20 -3.32
C ALA A 392 1.89 10.32 -3.70
N ILE A 393 1.44 9.44 -4.59
CA ILE A 393 0.04 9.42 -5.02
C ILE A 393 -0.42 7.96 -4.89
N ILE A 394 -1.28 7.72 -3.90
CA ILE A 394 -1.79 6.37 -3.64
C ILE A 394 -3.30 6.39 -3.76
N GLY A 395 -3.84 5.64 -4.70
CA GLY A 395 -5.29 5.64 -4.86
C GLY A 395 -6.02 4.54 -4.12
N GLN A 396 -7.26 4.83 -3.73
CA GLN A 396 -8.09 3.85 -3.05
C GLN A 396 -8.75 3.02 -4.14
N TYR A 397 -8.64 1.70 -4.02
CA TYR A 397 -9.26 0.76 -4.96
C TYR A 397 -9.28 -0.59 -4.27
N TRP A 398 -10.40 -1.31 -4.38
CA TRP A 398 -10.50 -2.60 -3.71
C TRP A 398 -9.99 -3.78 -4.52
N GLY A 399 -9.90 -3.63 -5.84
CA GLY A 399 -9.45 -4.73 -6.67
C GLY A 399 -8.09 -4.54 -7.33
N ASN A 400 -7.99 -4.96 -8.57
CA ASN A 400 -6.77 -4.85 -9.37
C ASN A 400 -6.66 -3.42 -9.91
N ALA A 401 -5.72 -2.65 -9.35
CA ALA A 401 -5.54 -1.26 -9.75
C ALA A 401 -4.62 -1.05 -10.95
N ASN A 402 -4.40 -2.11 -11.72
CA ASN A 402 -3.53 -2.00 -12.89
C ASN A 402 -3.94 -0.83 -13.81
N PRO A 403 -5.24 -0.59 -14.01
CA PRO A 403 -5.67 0.51 -14.89
C PRO A 403 -5.21 1.91 -14.51
N TRP A 404 -4.89 2.11 -13.23
CA TRP A 404 -4.45 3.40 -12.71
C TRP A 404 -2.96 3.40 -12.37
N THR A 405 -2.26 2.33 -12.72
CA THR A 405 -0.83 2.26 -12.39
C THR A 405 0.12 1.76 -13.48
N ALA A 406 -0.32 0.76 -14.25
CA ALA A 406 0.53 0.14 -15.26
C ALA A 406 0.96 0.90 -16.52
N GLN A 407 0.70 2.20 -16.58
CA GLN A 407 1.15 2.98 -17.73
C GLN A 407 2.03 4.12 -17.23
N GLY A 408 2.30 4.10 -15.92
CA GLY A 408 3.13 5.10 -15.30
C GLY A 408 2.69 6.54 -15.43
N ASN A 409 1.43 6.77 -15.79
CA ASN A 409 0.97 8.15 -15.95
C ASN A 409 -0.09 8.60 -14.94
N GLN A 410 -0.40 7.76 -13.95
CA GLN A 410 -1.41 8.13 -12.95
C GLN A 410 -0.97 8.00 -11.49
N TRP A 411 -1.31 6.89 -10.82
CA TRP A 411 -0.91 6.73 -9.41
C TRP A 411 0.43 6.02 -9.27
N ASP A 412 1.05 6.16 -8.10
CA ASP A 412 2.31 5.49 -7.81
C ASP A 412 1.97 4.11 -7.27
N ALA A 413 0.81 4.01 -6.63
CA ALA A 413 0.36 2.76 -6.03
C ALA A 413 -1.09 2.85 -5.59
N ALA A 414 -1.54 1.83 -4.87
CA ALA A 414 -2.92 1.77 -4.38
C ALA A 414 -3.03 1.04 -3.05
N THR A 415 -4.22 1.13 -2.46
CA THR A 415 -4.54 0.44 -1.21
C THR A 415 -4.56 -1.03 -1.62
N ASN A 416 -3.66 -1.84 -1.07
CA ASN A 416 -3.56 -3.23 -1.47
C ASN A 416 -4.51 -4.25 -0.85
N PHE A 417 -5.82 -3.98 -0.94
CA PHE A 417 -6.81 -4.91 -0.40
C PHE A 417 -6.70 -6.27 -1.08
N ASP A 418 -6.63 -6.24 -2.41
CA ASP A 418 -6.59 -7.45 -3.23
C ASP A 418 -5.28 -8.24 -3.22
N GLY A 419 -4.15 -7.52 -3.13
CA GLY A 419 -2.86 -8.20 -3.14
C GLY A 419 -2.23 -8.41 -1.78
N PHE A 420 -2.87 -7.91 -0.73
CA PHE A 420 -2.33 -8.05 0.61
C PHE A 420 -3.37 -8.36 1.69
N THR A 421 -4.21 -7.37 1.99
CA THR A 421 -5.22 -7.53 3.04
C THR A 421 -6.08 -8.79 2.96
N GLN A 422 -6.68 -9.03 1.80
CA GLN A 422 -7.54 -10.20 1.63
C GLN A 422 -6.79 -11.53 1.74
N PRO A 423 -5.74 -11.74 0.92
CA PRO A 423 -5.03 -13.02 1.03
C PRO A 423 -4.46 -13.30 2.42
N VAL A 424 -3.91 -12.27 3.07
CA VAL A 424 -3.36 -12.44 4.41
C VAL A 424 -4.47 -12.83 5.38
N SER A 425 -5.61 -12.14 5.28
CA SER A 425 -6.74 -12.42 6.15
C SER A 425 -7.24 -13.87 6.00
N GLU A 426 -7.51 -14.30 4.78
CA GLU A 426 -8.00 -15.65 4.55
C GLU A 426 -7.02 -16.75 4.91
N TRP A 427 -5.72 -16.51 4.72
CA TRP A 427 -4.71 -17.52 5.05
C TRP A 427 -4.54 -17.68 6.57
N ILE A 428 -4.39 -16.57 7.27
CA ILE A 428 -4.18 -16.61 8.72
C ILE A 428 -5.43 -16.77 9.59
N THR A 429 -6.48 -16.02 9.29
CA THR A 429 -7.70 -16.06 10.09
C THR A 429 -8.83 -16.92 9.58
N GLY A 430 -8.76 -17.32 8.31
CA GLY A 430 -9.83 -18.15 7.76
C GLY A 430 -11.08 -17.33 7.49
N LYS A 431 -10.93 -16.02 7.43
CA LYS A 431 -12.04 -15.10 7.17
C LYS A 431 -11.58 -14.06 6.14
N ASP A 432 -12.52 -13.51 5.38
CA ASP A 432 -12.17 -12.45 4.44
C ASP A 432 -12.12 -11.19 5.31
N TYR A 433 -11.75 -10.03 4.75
CA TYR A 433 -11.67 -8.85 5.61
C TYR A 433 -12.99 -8.30 6.14
N GLN A 434 -14.11 -8.88 5.72
CA GLN A 434 -15.41 -8.43 6.22
C GLN A 434 -15.86 -9.36 7.35
N ASN A 435 -14.96 -10.28 7.71
CA ASN A 435 -15.18 -11.26 8.77
C ASN A 435 -16.15 -12.38 8.40
N ASN A 436 -16.19 -12.72 7.12
CA ASN A 436 -17.04 -13.81 6.65
C ASN A 436 -16.10 -14.98 6.35
N SER A 437 -16.57 -16.19 6.61
CA SER A 437 -15.78 -17.38 6.37
C SER A 437 -15.21 -17.45 4.95
N ALA A 438 -13.89 -17.58 4.88
CA ALA A 438 -13.17 -17.67 3.61
C ALA A 438 -11.74 -18.02 4.00
N SER A 439 -11.34 -19.27 3.73
CA SER A 439 -10.01 -19.74 4.09
C SER A 439 -9.23 -20.28 2.89
N ILE A 440 -7.91 -20.07 2.88
CA ILE A 440 -7.07 -20.56 1.81
C ILE A 440 -5.85 -21.26 2.38
N SER A 441 -5.33 -22.22 1.64
CA SER A 441 -4.15 -22.97 2.06
C SER A 441 -2.90 -22.18 1.73
N THR A 442 -1.75 -22.71 2.11
CA THR A 442 -0.47 -22.05 1.85
C THR A 442 -0.18 -21.99 0.36
N THR A 443 -0.42 -23.09 -0.36
CA THR A 443 -0.18 -23.08 -1.80
C THR A 443 -1.08 -22.03 -2.46
N GLN A 444 -2.34 -21.94 -2.01
CA GLN A 444 -3.27 -20.97 -2.58
C GLN A 444 -2.82 -19.55 -2.23
N PHE A 445 -2.37 -19.36 -1.00
CA PHE A 445 -1.89 -18.05 -0.53
C PHE A 445 -0.76 -17.60 -1.44
N ASP A 446 0.24 -18.46 -1.62
CA ASP A 446 1.39 -18.15 -2.46
C ASP A 446 0.98 -17.78 -3.89
N SER A 447 0.06 -18.56 -4.46
CA SER A 447 -0.41 -18.31 -5.83
C SER A 447 -1.14 -16.97 -5.93
N TRP A 448 -2.00 -16.69 -4.94
CA TRP A 448 -2.77 -15.45 -4.89
C TRP A 448 -1.80 -14.26 -4.87
N LEU A 449 -0.82 -14.33 -3.97
CA LEU A 449 0.16 -13.25 -3.83
C LEU A 449 0.94 -13.00 -5.13
N ARG A 450 1.36 -14.08 -5.78
CA ARG A 450 2.13 -13.96 -7.02
C ARG A 450 1.29 -13.32 -8.12
N GLY A 451 0.07 -13.82 -8.28
CA GLY A 451 -0.81 -13.29 -9.32
C GLY A 451 -1.15 -11.82 -9.12
N THR A 452 -1.21 -11.38 -7.87
CA THR A 452 -1.53 -9.99 -7.59
C THR A 452 -0.30 -9.10 -7.76
N ARG A 453 0.89 -9.60 -7.40
CA ARG A 453 2.10 -8.81 -7.61
C ARG A 453 2.25 -8.61 -9.12
N ALA A 454 1.97 -9.68 -9.88
CA ALA A 454 2.11 -9.63 -11.33
C ALA A 454 1.18 -8.62 -12.02
N ASN A 455 0.19 -8.11 -11.28
CA ASN A 455 -0.73 -7.12 -11.84
C ASN A 455 -0.04 -5.76 -11.95
N TYR A 456 1.08 -5.61 -11.25
CA TYR A 456 1.75 -4.31 -11.22
C TYR A 456 3.22 -4.23 -11.61
N PRO A 457 3.66 -3.04 -12.06
CA PRO A 457 5.05 -2.83 -12.46
C PRO A 457 5.81 -3.01 -11.13
N THR A 458 7.08 -3.34 -11.19
CA THR A 458 7.84 -3.58 -9.97
C THR A 458 7.88 -2.40 -9.00
N ASN A 459 8.15 -1.19 -9.49
CA ASN A 459 8.19 -0.05 -8.55
C ASN A 459 6.84 0.17 -7.87
N VAL A 460 5.75 -0.17 -8.57
CA VAL A 460 4.41 -0.02 -8.01
C VAL A 460 4.21 -1.07 -6.90
N GLN A 461 4.62 -2.31 -7.16
CA GLN A 461 4.53 -3.38 -6.17
C GLN A 461 5.20 -2.94 -4.88
N GLN A 462 6.41 -2.41 -5.01
CA GLN A 462 7.20 -1.97 -3.87
C GLN A 462 6.64 -0.74 -3.13
N SER A 463 5.61 -0.12 -3.72
CA SER A 463 4.99 1.09 -3.13
C SER A 463 3.55 0.88 -2.69
N MET A 464 3.02 -0.33 -2.87
CA MET A 464 1.64 -0.61 -2.48
C MET A 464 1.45 -0.42 -0.98
N MET A 465 0.27 0.06 -0.60
CA MET A 465 -0.04 0.29 0.81
C MET A 465 -0.57 -1.04 1.37
N ASN A 466 0.28 -1.76 2.10
CA ASN A 466 -0.08 -3.06 2.69
C ASN A 466 -0.48 -3.00 4.16
N PHE A 467 -1.79 -2.95 4.42
CA PHE A 467 -2.30 -2.90 5.78
C PHE A 467 -3.09 -4.16 6.15
N LEU A 468 -3.10 -4.51 7.44
CA LEU A 468 -3.83 -5.69 7.91
C LEU A 468 -5.30 -5.34 8.07
N SER A 469 -5.56 -4.09 8.41
CA SER A 469 -6.91 -3.58 8.61
C SER A 469 -6.91 -2.09 8.26
N ASN A 470 -8.10 -1.50 8.20
CA ASN A 470 -8.21 -0.06 7.94
C ASN A 470 -9.63 0.39 8.30
N HIS A 471 -9.89 1.70 8.18
CA HIS A 471 -11.18 2.26 8.57
C HIS A 471 -12.45 1.77 7.85
N ASP A 472 -12.30 0.97 6.80
CA ASP A 472 -13.47 0.48 6.07
C ASP A 472 -13.72 -1.02 6.19
N ILE A 473 -12.90 -1.71 6.99
CA ILE A 473 -13.06 -3.15 7.16
C ILE A 473 -12.92 -3.54 8.62
N THR A 474 -13.22 -4.79 8.95
CA THR A 474 -13.13 -5.24 10.33
C THR A 474 -11.66 -5.36 10.76
N ARG A 475 -11.42 -5.24 12.06
CA ARG A 475 -10.08 -5.32 12.61
C ARG A 475 -9.51 -6.73 12.46
N PHE A 476 -8.19 -6.82 12.27
CA PHE A 476 -7.55 -8.12 12.12
C PHE A 476 -7.73 -8.95 13.39
N ALA A 477 -7.60 -8.30 14.54
CA ALA A 477 -7.73 -8.97 15.84
C ALA A 477 -9.12 -9.56 16.08
N THR A 478 -10.13 -8.98 15.45
CA THR A 478 -11.49 -9.48 15.59
C THR A 478 -11.63 -10.71 14.69
N ARG A 479 -11.10 -10.60 13.47
CA ARG A 479 -11.16 -11.71 12.55
C ARG A 479 -10.36 -12.89 13.08
N SER A 480 -9.31 -12.61 13.84
CA SER A 480 -8.47 -13.67 14.41
C SER A 480 -9.12 -14.29 15.65
N GLY A 481 -10.26 -13.72 16.06
CA GLY A 481 -10.93 -14.24 17.24
C GLY A 481 -10.21 -13.87 18.52
N GLY A 482 -9.31 -12.90 18.43
CA GLY A 482 -8.56 -12.46 19.60
C GLY A 482 -7.25 -13.19 19.85
N ASP A 483 -6.88 -14.10 18.95
CA ASP A 483 -5.64 -14.86 19.08
C ASP A 483 -4.48 -13.95 18.69
N LEU A 484 -3.74 -13.46 19.68
CA LEU A 484 -2.64 -12.55 19.40
C LEU A 484 -1.52 -13.15 18.55
N TRP A 485 -1.34 -14.47 18.63
CA TRP A 485 -0.29 -15.11 17.84
C TRP A 485 -0.55 -14.95 16.35
N LYS A 486 -1.82 -14.88 15.96
CA LYS A 486 -2.16 -14.70 14.56
C LYS A 486 -1.70 -13.31 14.13
N THR A 487 -1.70 -12.37 15.07
CA THR A 487 -1.24 -11.02 14.79
C THR A 487 0.29 -11.06 14.66
N TYR A 488 0.93 -11.88 15.49
CA TYR A 488 2.39 -12.01 15.43
C TYR A 488 2.76 -12.44 14.02
N LEU A 489 2.13 -13.52 13.56
CA LEU A 489 2.40 -14.06 12.24
C LEU A 489 2.17 -13.02 11.14
N ALA A 490 1.01 -12.37 11.19
CA ALA A 490 0.66 -11.37 10.20
C ALA A 490 1.69 -10.23 10.15
N LEU A 491 2.21 -9.84 11.32
CA LEU A 491 3.19 -8.77 11.38
C LEU A 491 4.51 -9.16 10.73
N ILE A 492 4.97 -10.38 11.01
CA ILE A 492 6.23 -10.86 10.44
C ILE A 492 6.11 -10.91 8.92
N PHE A 493 4.95 -11.34 8.41
CA PHE A 493 4.75 -11.38 6.98
C PHE A 493 4.74 -9.95 6.44
N GLN A 494 3.88 -9.11 7.01
CA GLN A 494 3.76 -7.72 6.60
C GLN A 494 5.09 -6.99 6.52
N MET A 495 5.94 -7.18 7.52
CA MET A 495 7.22 -6.50 7.58
C MET A 495 8.33 -7.07 6.69
N THR A 496 8.07 -8.20 6.05
CA THR A 496 9.08 -8.80 5.18
C THR A 496 8.60 -9.01 3.75
N TYR A 497 7.40 -8.50 3.44
CA TYR A 497 6.82 -8.65 2.11
C TYR A 497 7.13 -7.48 1.18
N VAL A 498 6.65 -7.56 -0.05
CA VAL A 498 6.84 -6.53 -1.07
C VAL A 498 5.74 -5.48 -0.95
N GLY A 499 6.13 -4.24 -0.70
CA GLY A 499 5.16 -3.18 -0.54
C GLY A 499 5.34 -2.49 0.80
N THR A 500 4.84 -1.26 0.91
CA THR A 500 4.96 -0.47 2.13
C THR A 500 4.15 -1.05 3.30
N PRO A 501 4.83 -1.52 4.36
CA PRO A 501 4.06 -2.05 5.49
C PRO A 501 3.27 -0.87 6.03
N THR A 502 1.97 -1.07 6.24
CA THR A 502 1.12 0.01 6.75
C THR A 502 0.34 -0.46 7.96
N ILE A 503 0.59 0.20 9.09
CA ILE A 503 -0.05 -0.16 10.35
C ILE A 503 -1.25 0.73 10.69
N TYR A 504 -2.44 0.13 10.71
CA TYR A 504 -3.65 0.87 11.05
C TYR A 504 -3.64 1.03 12.57
N TYR A 505 -3.51 2.26 13.04
CA TYR A 505 -3.44 2.57 14.47
C TYR A 505 -4.17 1.58 15.37
N GLY A 506 -3.42 0.94 16.25
CA GLY A 506 -4.01 -0.03 17.17
C GLY A 506 -3.71 -1.48 16.82
N ASP A 507 -3.55 -1.75 15.52
CA ASP A 507 -3.26 -3.11 15.06
C ASP A 507 -1.97 -3.65 15.65
N GLU A 508 -1.04 -2.76 15.96
CA GLU A 508 0.25 -3.16 16.52
C GLU A 508 0.14 -3.72 17.93
N TYR A 509 -0.97 -3.48 18.62
CA TYR A 509 -1.14 -4.03 19.96
C TYR A 509 -2.30 -5.02 20.02
N GLY A 510 -2.93 -5.26 18.87
CA GLY A 510 -4.03 -6.21 18.81
C GLY A 510 -5.44 -5.67 19.01
N MET A 511 -5.67 -4.40 18.65
CA MET A 511 -7.01 -3.81 18.82
C MET A 511 -8.08 -4.53 18.01
N GLN A 512 -9.23 -4.76 18.63
CA GLN A 512 -10.34 -5.44 17.97
C GLN A 512 -11.37 -4.45 17.45
N GLY A 513 -12.37 -4.95 16.75
CA GLY A 513 -13.41 -4.09 16.22
C GLY A 513 -14.09 -4.67 15.00
N GLY A 514 -15.41 -4.53 14.96
CA GLY A 514 -16.19 -5.03 13.84
C GLY A 514 -16.27 -4.01 12.73
N ALA A 515 -17.34 -4.04 11.96
CA ALA A 515 -17.52 -3.11 10.86
C ALA A 515 -17.73 -1.67 11.30
N ASP A 516 -17.49 -0.75 10.37
CA ASP A 516 -17.66 0.69 10.58
C ASP A 516 -18.97 0.87 11.33
N PRO A 517 -18.98 1.69 12.40
CA PRO A 517 -17.90 2.48 13.00
C PRO A 517 -17.05 1.79 14.07
N ASP A 518 -17.34 0.52 14.35
CA ASP A 518 -16.60 -0.20 15.38
C ASP A 518 -15.15 -0.50 15.06
N ASN A 519 -14.70 -0.17 13.86
CA ASN A 519 -13.30 -0.39 13.49
C ASN A 519 -12.51 0.90 13.71
N ARG A 520 -13.15 1.86 14.37
CA ARG A 520 -12.54 3.16 14.65
C ARG A 520 -12.57 3.46 16.15
N ARG A 521 -12.33 2.44 16.98
CA ARG A 521 -12.32 2.61 18.42
C ARG A 521 -11.20 3.54 18.86
N SER A 522 -11.34 4.15 20.03
CA SER A 522 -10.30 5.04 20.53
C SER A 522 -9.08 4.22 20.90
N PHE A 523 -7.89 4.77 20.62
CA PHE A 523 -6.63 4.11 20.90
C PHE A 523 -6.42 3.91 22.40
N ASP A 524 -6.38 2.65 22.82
CA ASP A 524 -6.20 2.29 24.23
C ASP A 524 -4.72 2.36 24.62
N TRP A 525 -4.29 3.50 25.13
CA TRP A 525 -2.89 3.64 25.52
C TRP A 525 -2.61 2.71 26.70
N SER A 526 -1.33 2.62 27.08
CA SER A 526 -0.89 1.72 28.17
C SER A 526 -0.88 0.31 27.62
N GLN A 527 -1.41 0.15 26.41
CA GLN A 527 -1.47 -1.13 25.74
C GLN A 527 -0.47 -0.91 24.61
N ALA A 528 -0.09 0.36 24.47
CA ALA A 528 0.86 0.81 23.47
C ALA A 528 2.26 0.89 24.04
N THR A 529 2.71 -0.20 24.65
CA THR A 529 4.05 -0.25 25.23
C THR A 529 4.64 -1.62 24.94
N PRO A 530 5.98 -1.72 24.99
CA PRO A 530 6.67 -2.98 24.74
C PRO A 530 6.18 -4.11 25.66
N SER A 531 5.43 -3.74 26.70
CA SER A 531 4.89 -4.73 27.63
C SER A 531 3.86 -5.55 26.85
N ASN A 532 3.38 -4.99 25.76
CA ASN A 532 2.43 -5.69 24.91
C ASN A 532 3.36 -6.39 23.92
N SER A 533 3.24 -7.70 23.84
CA SER A 533 4.09 -8.49 22.96
C SER A 533 4.03 -8.09 21.49
N ALA A 534 2.85 -7.74 21.01
CA ALA A 534 2.70 -7.33 19.61
C ALA A 534 3.43 -6.03 19.32
N VAL A 535 3.42 -5.11 20.29
CA VAL A 535 4.11 -3.85 20.11
C VAL A 535 5.62 -4.09 20.05
N ALA A 536 6.12 -4.93 20.95
CA ALA A 536 7.54 -5.24 20.99
C ALA A 536 8.00 -5.88 19.68
N LEU A 537 7.20 -6.80 19.16
CA LEU A 537 7.52 -7.48 17.91
C LEU A 537 7.50 -6.49 16.76
N THR A 538 6.47 -5.64 16.73
CA THR A 538 6.35 -4.64 15.68
C THR A 538 7.62 -3.80 15.60
N GLN A 539 8.05 -3.29 16.76
CA GLN A 539 9.25 -2.47 16.84
C GLN A 539 10.46 -3.23 16.30
N LYS A 540 10.59 -4.49 16.70
CA LYS A 540 11.70 -5.33 16.27
C LYS A 540 11.67 -5.55 14.76
N LEU A 541 10.48 -5.83 14.23
CA LEU A 541 10.32 -6.07 12.80
C LEU A 541 10.61 -4.83 11.96
N ILE A 542 10.24 -3.66 12.46
CA ILE A 542 10.50 -2.44 11.70
C ILE A 542 12.01 -2.19 11.66
N THR A 543 12.68 -2.46 12.77
CA THR A 543 14.14 -2.28 12.83
C THR A 543 14.80 -3.21 11.82
N ILE A 544 14.29 -4.43 11.73
CA ILE A 544 14.82 -5.43 10.80
C ILE A 544 14.64 -4.99 9.35
N ARG A 545 13.44 -4.56 8.99
CA ARG A 545 13.19 -4.12 7.62
C ARG A 545 14.09 -2.94 7.24
N ASN A 546 14.25 -2.01 8.18
CA ASN A 546 15.09 -0.84 7.93
C ASN A 546 16.57 -1.18 7.82
N GLN A 547 16.96 -2.36 8.31
CA GLN A 547 18.35 -2.77 8.24
C GLN A 547 18.69 -3.43 6.91
N TYR A 548 17.70 -4.06 6.27
CA TYR A 548 17.93 -4.76 5.01
C TYR A 548 17.19 -4.26 3.78
N PRO A 549 17.90 -3.62 2.84
CA PRO A 549 17.25 -3.12 1.62
C PRO A 549 16.55 -4.26 0.85
N ALA A 550 17.08 -5.47 0.98
CA ALA A 550 16.49 -6.62 0.30
C ALA A 550 15.03 -6.84 0.68
N LEU A 551 14.67 -6.49 1.91
CA LEU A 551 13.30 -6.65 2.38
C LEU A 551 12.36 -5.62 1.78
N ARG A 552 12.92 -4.50 1.34
CA ARG A 552 12.13 -3.42 0.76
C ARG A 552 12.11 -3.42 -0.77
N THR A 553 13.28 -3.63 -1.39
CA THR A 553 13.34 -3.60 -2.85
C THR A 553 14.05 -4.79 -3.47
N GLY A 554 14.28 -5.84 -2.67
CA GLY A 554 14.96 -7.01 -3.20
C GLY A 554 14.00 -7.92 -3.93
N SER A 555 14.54 -8.97 -4.56
CA SER A 555 13.74 -9.94 -5.28
C SER A 555 12.89 -10.73 -4.29
N PHE A 556 11.85 -11.40 -4.80
CA PHE A 556 11.00 -12.23 -3.96
C PHE A 556 10.93 -13.58 -4.63
N MET A 557 11.27 -14.64 -3.88
CA MET A 557 11.24 -15.98 -4.44
C MET A 557 10.63 -16.96 -3.45
N THR A 558 9.67 -17.74 -3.92
CA THR A 558 9.02 -18.74 -3.09
C THR A 558 10.00 -19.90 -2.85
N LEU A 559 10.06 -20.37 -1.61
CA LEU A 559 10.96 -21.47 -1.23
C LEU A 559 10.21 -22.71 -0.76
N ILE A 560 9.15 -22.50 0.02
CA ILE A 560 8.36 -23.61 0.54
C ILE A 560 6.87 -23.28 0.61
N THR A 561 6.04 -24.18 0.14
CA THR A 561 4.59 -24.04 0.20
C THR A 561 4.12 -25.43 0.66
N ASP A 562 4.16 -25.63 1.97
CA ASP A 562 3.79 -26.91 2.59
C ASP A 562 2.38 -26.86 3.20
N ASP A 563 1.42 -27.45 2.51
CA ASP A 563 0.04 -27.48 2.99
C ASP A 563 -0.18 -28.49 4.10
N THR A 564 0.74 -29.43 4.26
CA THR A 564 0.60 -30.43 5.31
C THR A 564 0.90 -29.82 6.68
N ASN A 565 2.06 -29.18 6.78
CA ASN A 565 2.48 -28.54 8.03
C ASN A 565 2.15 -27.06 8.08
N LYS A 566 1.57 -26.56 6.99
CA LYS A 566 1.19 -25.15 6.87
C LYS A 566 2.39 -24.22 7.01
N ILE A 567 3.46 -24.57 6.30
CA ILE A 567 4.69 -23.79 6.32
C ILE A 567 4.87 -23.00 5.03
N TYR A 568 5.11 -21.69 5.16
CA TYR A 568 5.34 -20.85 4.00
C TYR A 568 6.72 -20.21 4.15
N SER A 569 7.58 -20.42 3.17
CA SER A 569 8.91 -19.83 3.21
C SER A 569 9.20 -19.16 1.89
N TYR A 570 9.78 -17.97 1.95
CA TYR A 570 10.15 -17.22 0.76
C TYR A 570 11.41 -16.45 1.07
N GLY A 571 12.15 -16.11 0.02
CA GLY A 571 13.38 -15.37 0.22
C GLY A 571 13.34 -13.96 -0.34
N ARG A 572 14.02 -13.06 0.35
CA ARG A 572 14.12 -11.67 -0.09
C ARG A 572 15.62 -11.48 -0.23
N PHE A 573 16.07 -11.11 -1.43
CA PHE A 573 17.49 -10.98 -1.64
C PHE A 573 17.92 -10.00 -2.72
N ASP A 574 19.16 -9.52 -2.59
CA ASP A 574 19.74 -8.62 -3.56
C ASP A 574 21.23 -8.93 -3.69
N ASN A 575 21.99 -7.98 -4.19
CA ASN A 575 23.43 -8.15 -4.38
C ASN A 575 24.21 -8.25 -3.07
N VAL A 576 23.62 -7.76 -1.99
CA VAL A 576 24.31 -7.78 -0.71
C VAL A 576 23.79 -8.79 0.31
N ASN A 577 22.48 -8.81 0.53
CA ASN A 577 21.91 -9.74 1.50
C ASN A 577 20.97 -10.79 0.92
N ARG A 578 20.88 -11.91 1.64
CA ARG A 578 20.01 -13.01 1.27
C ARG A 578 19.24 -13.33 2.54
N ILE A 579 17.91 -13.27 2.47
CA ILE A 579 17.10 -13.53 3.64
C ILE A 579 16.01 -14.55 3.36
N ALA A 580 15.97 -15.60 4.18
CA ALA A 580 14.97 -16.63 4.04
C ALA A 580 13.96 -16.51 5.18
N VAL A 581 12.72 -16.14 4.83
CA VAL A 581 11.68 -16.00 5.84
C VAL A 581 10.94 -17.34 5.92
N VAL A 582 10.70 -17.80 7.14
CA VAL A 582 10.01 -19.07 7.35
C VAL A 582 8.80 -18.85 8.26
N LEU A 583 7.60 -19.02 7.71
CA LEU A 583 6.38 -18.82 8.47
C LEU A 583 5.63 -20.09 8.79
N ASN A 584 5.14 -20.18 10.02
CA ASN A 584 4.40 -21.34 10.49
C ASN A 584 2.96 -20.90 10.75
N ASN A 585 2.06 -21.31 9.89
CA ASN A 585 0.64 -20.96 10.01
C ASN A 585 -0.15 -22.06 10.70
N ASP A 586 0.55 -23.04 11.27
CA ASP A 586 -0.12 -24.14 11.97
C ASP A 586 -0.27 -23.72 13.44
N SER A 587 -0.97 -24.54 14.23
CA SER A 587 -1.18 -24.24 15.64
C SER A 587 -0.19 -24.99 16.53
N VAL A 588 0.79 -25.61 15.90
CA VAL A 588 1.81 -26.35 16.63
C VAL A 588 3.16 -26.07 16.00
N SER A 589 4.23 -26.31 16.76
CA SER A 589 5.58 -26.06 16.28
C SER A 589 6.01 -27.02 15.17
N HIS A 590 6.95 -26.57 14.35
CA HIS A 590 7.47 -27.38 13.25
C HIS A 590 8.94 -27.07 13.01
N THR A 591 9.74 -28.11 12.80
CA THR A 591 11.15 -27.93 12.53
C THR A 591 11.27 -28.02 11.01
N VAL A 592 11.75 -26.95 10.40
CA VAL A 592 11.85 -26.87 8.95
C VAL A 592 13.26 -26.83 8.42
N ASN A 593 13.50 -27.58 7.35
CA ASN A 593 14.79 -27.58 6.70
C ASN A 593 14.63 -26.60 5.55
N VAL A 594 15.17 -25.40 5.73
CA VAL A 594 15.07 -24.34 4.75
C VAL A 594 16.07 -24.47 3.61
N PRO A 595 15.58 -24.55 2.35
CA PRO A 595 16.45 -24.68 1.18
C PRO A 595 17.11 -23.37 0.80
N VAL A 596 17.99 -22.86 1.67
CA VAL A 596 18.66 -21.60 1.43
C VAL A 596 19.61 -21.64 0.23
N TRP A 597 19.87 -22.83 -0.30
CA TRP A 597 20.74 -22.92 -1.47
C TRP A 597 20.06 -22.21 -2.65
N GLN A 598 18.73 -22.15 -2.61
CA GLN A 598 17.97 -21.50 -3.68
C GLN A 598 18.27 -20.00 -3.74
N LEU A 599 18.66 -19.42 -2.60
CA LEU A 599 18.98 -18.00 -2.54
C LEU A 599 20.49 -17.84 -2.68
N SER A 600 21.16 -18.96 -2.94
CA SER A 600 22.60 -19.00 -3.10
C SER A 600 23.39 -18.67 -1.84
N MET A 601 22.87 -19.07 -0.68
CA MET A 601 23.60 -18.86 0.57
C MET A 601 24.69 -19.94 0.56
N PRO A 602 25.96 -19.53 0.59
CA PRO A 602 27.09 -20.48 0.57
C PRO A 602 27.11 -21.48 1.72
N ASN A 603 27.58 -22.69 1.43
CA ASN A 603 27.70 -23.73 2.45
C ASN A 603 28.77 -23.24 3.42
N GLY A 604 28.56 -23.48 4.71
CA GLY A 604 29.54 -23.05 5.69
C GLY A 604 29.34 -21.61 6.13
N SER A 605 28.48 -20.88 5.43
CA SER A 605 28.22 -19.48 5.78
C SER A 605 27.24 -19.45 6.93
N THR A 606 27.25 -18.35 7.67
CA THR A 606 26.35 -18.21 8.82
C THR A 606 25.12 -17.38 8.48
N VAL A 607 23.99 -17.78 9.04
CA VAL A 607 22.74 -17.08 8.84
C VAL A 607 22.22 -16.81 10.25
N THR A 608 21.54 -15.67 10.42
CA THR A 608 21.01 -15.32 11.73
C THR A 608 19.52 -15.03 11.73
N ASP A 609 18.79 -15.64 12.67
CA ASP A 609 17.36 -15.38 12.78
C ASP A 609 17.27 -14.04 13.49
N LYS A 610 17.21 -12.96 12.71
CA LYS A 610 17.17 -11.61 13.24
C LYS A 610 16.14 -11.39 14.33
N ILE A 611 15.14 -12.26 14.41
CA ILE A 611 14.12 -12.13 15.43
C ILE A 611 14.60 -12.58 16.81
N THR A 612 15.33 -13.69 16.84
CA THR A 612 15.82 -14.23 18.11
C THR A 612 17.32 -14.00 18.32
N GLY A 613 18.05 -13.82 17.23
CA GLY A 613 19.47 -13.62 17.33
C GLY A 613 20.19 -14.94 17.23
N HIS A 614 19.43 -16.03 17.33
CA HIS A 614 20.00 -17.36 17.24
C HIS A 614 20.68 -17.52 15.88
N SER A 615 21.96 -17.90 15.91
CA SER A 615 22.74 -18.09 14.69
C SER A 615 22.65 -19.52 14.17
N TYR A 616 22.82 -19.68 12.87
CA TYR A 616 22.75 -20.98 12.21
C TYR A 616 23.83 -21.08 11.15
N THR A 617 24.25 -22.30 10.84
CA THR A 617 25.27 -22.52 9.82
C THR A 617 24.69 -23.29 8.65
N VAL A 618 24.94 -22.80 7.44
CA VAL A 618 24.44 -23.45 6.24
C VAL A 618 25.30 -24.66 5.89
N GLN A 619 24.66 -25.82 5.77
CA GLN A 619 25.37 -27.05 5.42
C GLN A 619 24.52 -27.85 4.45
N ASN A 620 25.15 -28.29 3.35
CA ASN A 620 24.44 -29.08 2.35
C ASN A 620 23.26 -28.28 1.80
N GLY A 621 23.49 -26.97 1.63
CA GLY A 621 22.46 -26.08 1.11
C GLY A 621 21.25 -25.89 2.00
N MET A 622 21.31 -26.38 3.24
CA MET A 622 20.18 -26.25 4.15
C MET A 622 20.48 -25.58 5.48
N VAL A 623 19.40 -25.20 6.16
CA VAL A 623 19.43 -24.58 7.47
C VAL A 623 18.18 -25.09 8.18
N THR A 624 18.36 -25.73 9.34
CA THR A 624 17.24 -26.26 10.10
C THR A 624 16.84 -25.32 11.23
N VAL A 625 15.57 -24.92 11.23
CA VAL A 625 15.06 -24.00 12.24
C VAL A 625 13.71 -24.44 12.78
N ALA A 626 13.54 -24.36 14.09
CA ALA A 626 12.29 -24.72 14.73
C ALA A 626 11.47 -23.46 14.86
N VAL A 627 10.21 -23.52 14.44
CA VAL A 627 9.33 -22.37 14.50
C VAL A 627 7.99 -22.69 15.17
N ASP A 628 7.64 -21.90 16.18
CA ASP A 628 6.38 -22.10 16.89
C ASP A 628 5.18 -21.85 15.99
N GLY A 629 4.03 -22.40 16.38
CA GLY A 629 2.82 -22.21 15.61
C GLY A 629 2.53 -20.72 15.49
N HIS A 630 1.95 -20.30 14.37
CA HIS A 630 1.62 -18.89 14.16
C HIS A 630 2.77 -17.98 14.55
N TYR A 631 3.94 -18.25 13.99
CA TYR A 631 5.13 -17.44 14.26
C TYR A 631 6.06 -17.58 13.06
N GLY A 632 7.23 -16.97 13.13
CA GLY A 632 8.14 -17.06 12.01
C GLY A 632 9.58 -16.73 12.34
N ALA A 633 10.46 -17.04 11.40
CA ALA A 633 11.87 -16.77 11.55
C ALA A 633 12.32 -15.97 10.34
N VAL A 634 13.30 -15.10 10.54
CA VAL A 634 13.84 -14.27 9.48
C VAL A 634 15.34 -14.54 9.43
N LEU A 635 15.71 -15.58 8.69
CA LEU A 635 17.11 -15.99 8.55
C LEU A 635 17.87 -15.11 7.57
N ALA A 636 18.63 -14.15 8.10
CA ALA A 636 19.37 -13.23 7.25
C ALA A 636 20.89 -13.31 7.34
N GLN A 637 21.53 -12.93 6.24
CA GLN A 637 22.98 -12.88 6.14
C GLN A 637 23.38 -11.84 5.11
C1 GLC B . -14.23 5.73 0.80
C1 GLC B . -14.21 5.74 0.79
C2 GLC B . -13.61 5.93 2.18
C3 GLC B . -14.73 5.78 3.20
C4 GLC B . -15.77 6.87 2.95
C5 GLC B . -16.25 6.87 1.47
C6 GLC B . -16.98 8.16 1.15
O1 GLC B . -13.25 5.73 -0.18
O1 GLC B . -14.91 4.54 0.74
O2 GLC B . -12.57 4.99 2.40
O3 GLC B . -14.20 5.89 4.52
O4 GLC B . -16.90 6.66 3.82
O5 GLC B . -15.14 6.81 0.52
O6 GLC B . -16.08 9.25 1.15
C1 GLC B . -17.26 7.74 4.63
C2 GLC B . -17.16 7.36 6.10
C3 GLC B . -18.20 6.27 6.42
C4 GLC B . -19.61 6.73 6.01
C5 GLC B . -19.61 7.19 4.54
C6 GLC B . -20.93 7.80 4.10
O2 GLC B . -15.85 6.87 6.39
O3 GLC B . -18.17 5.98 7.81
O4 GLC B . -20.54 5.63 6.17
O5 GLC B . -18.60 8.19 4.34
O6 GLC B . -21.35 8.85 4.97
C1 GLC B . -21.16 5.52 7.42
C2 GLC B . -21.72 4.11 7.61
C3 GLC B . -22.92 3.89 6.67
C4 GLC B . -23.97 4.97 6.93
C5 GLC B . -23.32 6.35 6.71
C6 GLC B . -24.27 7.50 7.00
O2 GLC B . -20.71 3.15 7.32
O3 GLC B . -23.47 2.60 6.90
O4 GLC B . -25.06 4.80 6.04
O5 GLC B . -22.19 6.49 7.61
O6 GLC B . -24.48 7.66 8.39
C1 GLC C . -6.66 -12.95 -28.08
C2 GLC C . -5.40 -13.82 -28.03
C3 GLC C . -4.22 -13.03 -27.47
C4 GLC C . -4.04 -11.71 -28.25
C5 GLC C . -5.37 -10.95 -28.31
C6 GLC C . -5.28 -9.69 -29.16
O1 GLC C . -6.99 -12.55 -26.80
O2 GLC C . -5.65 -14.96 -27.21
O3 GLC C . -3.04 -13.82 -27.56
O4 GLC C . -3.04 -10.91 -27.59
O5 GLC C . -6.40 -11.78 -28.87
O6 GLC C . -4.30 -9.81 -30.17
C1 GLC C . -1.87 -10.67 -28.33
C2 GLC C . -0.65 -11.15 -27.53
C3 GLC C . -0.43 -10.27 -26.31
C4 GLC C . -0.34 -8.79 -26.69
C5 GLC C . -1.57 -8.40 -27.54
C6 GLC C . -1.48 -6.99 -28.07
O2 GLC C . -0.87 -12.50 -27.12
O3 GLC C . 0.77 -10.67 -25.64
O4 GLC C . -0.32 -8.00 -25.50
O5 GLC C . -1.71 -9.28 -28.67
O6 GLC C . -2.21 -6.85 -29.29
C1 GLC C . 0.64 -6.99 -25.41
C2 GLC C . 1.75 -7.45 -24.45
C3 GLC C . 1.16 -7.65 -23.06
C4 GLC C . 0.46 -6.37 -22.59
C5 GLC C . -0.54 -5.87 -23.64
C6 GLC C . -1.09 -4.49 -23.30
O2 GLC C . 2.34 -8.66 -24.92
O3 GLC C . 2.17 -8.01 -22.14
O4 GLC C . -0.24 -6.66 -21.36
O5 GLC C . 0.09 -5.77 -24.93
O6 GLC C . -2.18 -4.15 -24.14
C1 GLC C . 0.32 -6.11 -20.21
C2 GLC C . 0.34 -7.17 -19.10
C3 GLC C . -1.11 -7.51 -18.70
C4 GLC C . -1.86 -6.23 -18.30
C5 GLC C . -1.77 -5.21 -19.44
C6 GLC C . -2.42 -3.87 -19.10
O2 GLC C . 1.00 -8.34 -19.58
O3 GLC C . -1.12 -8.43 -17.62
O4 GLC C . -3.24 -6.55 -18.06
O5 GLC C . -0.39 -4.96 -19.77
O6 GLC C . -1.67 -3.17 -18.11
C1 GLC C . -3.63 -6.67 -16.72
C2 GLC C . -4.43 -7.96 -16.55
C3 GLC C . -5.74 -7.90 -17.35
C4 GLC C . -6.54 -6.64 -16.98
C5 GLC C . -5.65 -5.39 -17.08
C6 GLC C . -6.34 -4.14 -16.55
O2 GLC C . -3.66 -9.06 -17.00
O3 GLC C . -6.51 -9.05 -17.10
O4 GLC C . -7.63 -6.50 -17.88
O5 GLC C . -4.44 -5.56 -16.31
O6 GLC C . -5.64 -2.96 -16.94
C1 GLC D . -6.83 -11.26 -13.67
C2 GLC D . -5.86 -12.43 -13.46
C3 GLC D . -5.66 -12.76 -11.97
C4 GLC D . -5.36 -11.50 -11.17
C5 GLC D . -6.42 -10.41 -11.45
C6 GLC D . -6.13 -9.09 -10.76
O1 GLC D . -8.13 -11.64 -13.34
O2 GLC D . -6.35 -13.59 -14.12
O3 GLC D . -4.59 -13.68 -11.84
O4 GLC D . -5.31 -11.80 -9.75
O5 GLC D . -6.46 -10.13 -12.87
O6 GLC D . -6.35 -9.17 -9.35
C2 BGC D . -5.96 -13.92 -8.82
C3 BGC D . -6.88 -14.63 -7.81
C4 BGC D . -7.07 -13.72 -6.60
C5 BGC D . -7.71 -12.44 -7.07
C6 BGC D . -8.04 -11.51 -5.92
C1 BGC D . -6.38 -12.45 -9.13
O2 BGC D . -5.96 -14.68 -10.03
O3 BGC D . -6.30 -15.86 -7.43
O4 BGC D . -7.84 -14.34 -5.54
O5 BGC D . -6.78 -11.74 -7.94
O6 BGC D . -9.36 -10.98 -6.02
C2 BGC D . -8.71 -16.52 -5.26
C3 BGC D . -9.94 -17.41 -5.40
C4 BGC D . -11.14 -16.73 -4.75
C5 BGC D . -11.34 -15.35 -5.40
C6 BGC D . -12.51 -14.56 -4.84
C1 BGC D . -8.97 -15.12 -5.82
O2 BGC D . -7.61 -17.13 -5.93
O3 BGC D . -9.68 -18.65 -4.76
O4 BGC D . -12.29 -17.53 -4.95
O5 BGC D . -10.15 -14.56 -5.24
O6 BGC D . -12.94 -13.56 -5.75
C1 GLC E . 35.75 -26.51 -18.53
C2 GLC E . 36.12 -25.09 -18.12
C3 GLC E . 34.93 -24.40 -17.44
C4 GLC E . 33.65 -24.52 -18.28
C5 GLC E . 33.42 -25.98 -18.68
C6 GLC E . 32.24 -26.16 -19.61
O1 GLC E . 35.47 -27.26 -17.39
O2 GLC E . 37.22 -25.11 -17.24
O3 GLC E . 35.23 -23.03 -17.23
O4 GLC E . 32.52 -24.04 -17.53
O5 GLC E . 34.58 -26.50 -19.36
O6 GLC E . 32.50 -25.61 -20.89
C1 GLC E . 32.30 -22.65 -17.53
C2 GLC E . 31.04 -22.33 -16.73
C3 GLC E . 29.80 -22.87 -17.44
C4 GLC E . 29.74 -22.31 -18.87
C5 GLC E . 31.04 -22.63 -19.61
C6 GLC E . 31.10 -22.00 -20.98
O2 GLC E . 31.13 -22.90 -15.43
O3 GLC E . 28.63 -22.51 -16.73
O4 GLC E . 28.63 -22.92 -19.57
O5 GLC E . 32.17 -22.13 -18.86
O6 GLC E . 30.89 -20.59 -20.90
C1 GLC E . 27.50 -22.11 -19.74
C2 GLC E . 26.24 -22.92 -19.46
C3 GLC E . 26.07 -23.98 -20.55
C4 GLC E . 26.04 -23.30 -21.93
C5 GLC E . 27.31 -22.47 -22.12
C6 GLC E . 27.29 -21.67 -23.41
O2 GLC E . 26.33 -23.54 -18.19
O3 GLC E . 24.88 -24.71 -20.34
O4 GLC E . 25.99 -24.32 -22.95
O5 GLC E . 27.44 -21.52 -21.03
O6 GLC E . 28.60 -21.34 -23.82
C1 GLC E . 24.69 -24.67 -23.36
C2 GLC E . 24.61 -26.19 -23.46
C3 GLC E . 25.57 -26.68 -24.53
C4 GLC E . 25.32 -25.97 -25.89
C5 GLC E . 25.26 -24.44 -25.70
C6 GLC E . 24.78 -23.71 -26.93
O2 GLC E . 24.96 -26.76 -22.20
O3 GLC E . 25.44 -28.08 -24.70
O4 GLC E . 26.41 -26.29 -26.77
O5 GLC E . 24.37 -24.08 -24.62
O6 GLC E . 23.45 -24.09 -27.28
C1 GLC E . 26.09 -26.88 -28.00
C2 GLC E . 26.91 -28.16 -28.16
C3 GLC E . 28.41 -27.81 -28.19
C4 GLC E . 28.72 -26.72 -29.24
C5 GLC E . 27.74 -25.54 -29.13
C6 GLC E . 27.84 -24.56 -30.29
O2 GLC E . 26.66 -29.03 -27.08
O3 GLC E . 29.16 -28.98 -28.49
O4 GLC E . 30.06 -26.23 -29.01
O5 GLC E . 26.37 -26.01 -29.09
O6 GLC E . 28.68 -23.47 -29.96
C1 GLC E . 31.09 -26.85 -29.75
C2 GLC E . 32.44 -26.61 -29.06
C3 GLC E . 32.87 -25.14 -29.20
C4 GLC E . 32.86 -24.74 -30.68
C5 GLC E . 31.48 -25.02 -31.29
C6 GLC E . 31.43 -24.74 -32.78
O2 GLC E . 32.36 -26.96 -27.69
O3 GLC E . 34.16 -24.96 -28.67
O4 GLC E . 33.16 -23.35 -30.80
O5 GLC E . 31.13 -26.41 -31.11
O6 GLC E . 31.70 -25.90 -33.54
C1 GLC F . 1.21 -22.08 22.10
C2 GLC F . 1.54 -23.58 22.14
C3 GLC F . 2.75 -23.90 21.25
C4 GLC F . 2.59 -23.30 19.85
C5 GLC F . 2.24 -21.81 19.96
C6 GLC F . 2.00 -21.16 18.62
O1 GLC F . 2.24 -21.35 22.66
O2 GLC F . 1.81 -23.96 23.48
O3 GLC F . 2.90 -25.31 21.14
O4 GLC F . 3.79 -23.46 19.12
O5 GLC F . 1.04 -21.64 20.74
O6 GLC F . 0.63 -20.90 18.39
CA CA G . 17.85 -29.68 -18.72
CA CA H . -8.98 17.67 21.45
CA CA I . -26.16 30.07 1.60
C1 MPD J . 8.00 -24.11 -3.30
C2 MPD J . 7.39 -24.33 -4.67
O2 MPD J . 8.47 -24.17 -5.61
CM MPD J . 6.81 -25.71 -4.77
C3 MPD J . 6.31 -23.26 -5.02
C4 MPD J . 5.75 -23.20 -6.45
O4 MPD J . 5.08 -24.40 -6.80
C5 MPD J . 4.75 -22.07 -6.60
#